data_4BVS
#
_entry.id   4BVS
#
_cell.length_a   128.365
_cell.length_b   128.365
_cell.length_c   228.412
_cell.angle_alpha   90.00
_cell.angle_beta   90.00
_cell.angle_gamma   120.00
#
_symmetry.space_group_name_H-M   'H 3 2'
#
loop_
_entity.id
_entity.type
_entity.pdbx_description
1 polymer 'CYANURIC ACID AMIDOHYDROLASE'
2 non-polymer 'MAGNESIUM ION'
3 non-polymer 1,3,5-triazine-2,4,6-triamine
4 water water
#
_entity_poly.entity_id   1
_entity_poly.type   'polypeptide(L)'
_entity_poly.pdbx_seq_one_letter_code
;MGSSHHHHHHSSGLVPRGSHMYHIDVFRIPCHSPGDTSGLEDLIETGRVAPADIVAVMGKTEGNGCVNDYTREYATAMLA
ACLGRHLQLPPHEVEKRVAFVMSGGTEGVLSPHHTVFARRPAIDAHRPAGKRLTLGIAFTRDFLPEEIGRHAQITETAGA
VKRAMRDAGIASIDDLHFVQVKCPLLTPAKIASARSRGCAPVTTDTYESMGYSRGASALGIALATEEVPSSMLVDESVLN
DWSLSSSLASASAGIELEHNVVIAIGMSEQATSELVIAHGVMSDAIDAASVRRTIESLGIRSDDEMDRIVNVFAKAEASP
DGVVRGMRHTMLSDSDINSTRHARAVTGAAIASVVGHGMVYVSGGAEHQGPAGGGPFAVIARA
;
_entity_poly.pdbx_strand_id   A,B
#
# COMPACT_ATOMS: atom_id res chain seq x y z
N HIS A 20 -0.76 25.64 -34.10
CA HIS A 20 -0.76 24.67 -32.96
C HIS A 20 -1.94 23.71 -33.04
N MET A 21 -2.02 22.98 -34.15
CA MET A 21 -3.14 22.09 -34.39
C MET A 21 -2.60 20.66 -34.43
N TYR A 22 -2.85 19.90 -33.35
CA TYR A 22 -2.25 18.58 -33.17
C TYR A 22 -3.23 17.40 -33.13
N HIS A 23 -2.70 16.22 -33.44
CA HIS A 23 -3.34 14.96 -33.07
C HIS A 23 -2.45 14.23 -32.08
N ILE A 24 -2.96 14.05 -30.85
CA ILE A 24 -2.21 13.37 -29.80
C ILE A 24 -2.62 11.91 -29.68
N ASP A 25 -1.62 11.05 -29.61
CA ASP A 25 -1.82 9.64 -29.31
C ASP A 25 -1.13 9.31 -27.99
N VAL A 26 -1.76 8.45 -27.20
CA VAL A 26 -1.22 8.05 -25.93
C VAL A 26 -1.25 6.53 -25.81
N PHE A 27 -0.11 5.94 -25.45
CA PHE A 27 0.02 4.50 -25.32
C PHE A 27 0.63 4.12 -23.99
N ARG A 28 -0.08 3.30 -23.25
CA ARG A 28 0.44 2.72 -22.03
C ARG A 28 1.08 1.42 -22.42
N ILE A 29 2.38 1.26 -22.17
CA ILE A 29 3.08 0.01 -22.52
C ILE A 29 3.79 -0.62 -21.32
N PRO A 30 3.59 -1.93 -21.12
CA PRO A 30 4.24 -2.59 -19.99
C PRO A 30 5.76 -2.66 -20.14
N CYS A 31 6.45 -2.70 -19.00
CA CYS A 31 7.89 -2.95 -18.96
C CYS A 31 8.18 -4.15 -18.08
N HIS A 32 9.01 -5.06 -18.57
CA HIS A 32 9.41 -6.22 -17.78
C HIS A 32 10.60 -5.86 -16.88
N SER A 33 11.24 -4.74 -17.20
CA SER A 33 12.38 -4.26 -16.46
C SER A 33 12.65 -2.81 -16.90
N PRO A 34 13.49 -2.07 -16.16
CA PRO A 34 13.69 -0.64 -16.47
C PRO A 34 14.25 -0.38 -17.86
N GLY A 35 15.13 -1.25 -18.33
CA GLY A 35 15.72 -1.13 -19.67
C GLY A 35 14.87 -1.67 -20.81
N ASP A 36 13.73 -2.28 -20.51
CA ASP A 36 12.88 -2.89 -21.54
C ASP A 36 12.25 -1.85 -22.46
N THR A 37 12.63 -1.88 -23.74
CA THR A 37 12.02 -1.05 -24.77
C THR A 37 11.19 -1.87 -25.78
N SER A 38 10.89 -3.13 -25.45
CA SER A 38 10.26 -4.04 -26.40
C SER A 38 8.82 -3.63 -26.73
N GLY A 39 8.09 -3.14 -25.72
CA GLY A 39 6.75 -2.62 -25.93
C GLY A 39 6.74 -1.45 -26.90
N LEU A 40 7.81 -0.65 -26.88
CA LEU A 40 7.93 0.49 -27.77
C LEU A 40 8.38 0.06 -29.16
N GLU A 41 9.28 -0.92 -29.23
CA GLU A 41 9.67 -1.45 -30.53
C GLU A 41 8.44 -2.02 -31.24
N ASP A 42 7.56 -2.68 -30.49
CA ASP A 42 6.36 -3.27 -31.05
C ASP A 42 5.39 -2.22 -31.65
N LEU A 43 5.20 -1.11 -30.95
CA LEU A 43 4.37 -0.02 -31.48
C LEU A 43 4.95 0.55 -32.78
N ILE A 44 6.27 0.66 -32.84
CA ILE A 44 6.92 1.19 -34.02
C ILE A 44 6.78 0.17 -35.14
N GLU A 45 7.17 -1.07 -34.89
CA GLU A 45 7.10 -2.13 -35.91
C GLU A 45 5.70 -2.29 -36.53
N THR A 46 4.67 -2.14 -35.71
CA THR A 46 3.29 -2.38 -36.16
C THR A 46 2.61 -1.11 -36.68
N GLY A 47 3.39 -0.07 -36.98
CA GLY A 47 2.86 1.15 -37.60
C GLY A 47 1.93 1.98 -36.73
N ARG A 48 1.82 1.61 -35.45
CA ARG A 48 0.93 2.28 -34.52
C ARG A 48 1.46 3.65 -34.08
N VAL A 49 2.77 3.82 -34.14
CA VAL A 49 3.37 5.11 -33.81
C VAL A 49 4.65 5.34 -34.61
N ALA A 50 4.86 6.60 -34.98
CA ALA A 50 6.03 7.01 -35.72
C ALA A 50 7.03 7.63 -34.74
N PRO A 51 8.25 7.07 -34.68
CA PRO A 51 9.32 7.55 -33.80
C PRO A 51 9.47 9.08 -33.76
N ALA A 52 9.38 9.71 -34.91
CA ALA A 52 9.59 11.16 -35.01
C ALA A 52 8.48 11.97 -34.34
N ASP A 53 7.32 11.37 -34.12
CA ASP A 53 6.21 12.10 -33.51
C ASP A 53 6.22 12.06 -31.99
N ILE A 54 7.01 11.18 -31.39
CA ILE A 54 7.00 11.02 -29.95
C ILE A 54 7.64 12.26 -29.33
N VAL A 55 6.92 12.89 -28.42
CA VAL A 55 7.37 14.12 -27.78
C VAL A 55 7.60 13.99 -26.28
N ALA A 56 7.02 12.96 -25.67
CA ALA A 56 7.18 12.77 -24.24
C ALA A 56 6.91 11.33 -23.84
N VAL A 57 7.67 10.85 -22.86
CA VAL A 57 7.41 9.58 -22.21
C VAL A 57 7.39 9.80 -20.70
N MET A 58 6.29 9.39 -20.07
CA MET A 58 6.17 9.37 -18.61
C MET A 58 6.19 7.93 -18.15
N GLY A 59 7.24 7.57 -17.42
CA GLY A 59 7.44 6.20 -17.00
C GLY A 59 7.36 6.00 -15.51
N LYS A 60 7.03 4.76 -15.14
CA LYS A 60 7.14 4.28 -13.76
C LYS A 60 8.11 3.14 -13.78
N THR A 61 9.26 3.35 -13.15
CA THR A 61 10.36 2.35 -13.13
C THR A 61 10.54 1.76 -11.74
N GLU A 62 11.04 0.54 -11.66
CA GLU A 62 10.96 -0.25 -10.41
C GLU A 62 12.13 -0.10 -9.43
N GLY A 63 12.88 0.98 -9.56
CA GLY A 63 13.79 1.41 -8.52
C GLY A 63 13.01 1.95 -7.34
N ASN A 64 13.71 2.49 -6.35
CA ASN A 64 13.10 2.86 -5.07
C ASN A 64 12.42 4.24 -5.10
N GLY A 65 12.60 4.96 -6.21
CA GLY A 65 11.94 6.25 -6.40
C GLY A 65 12.53 7.39 -5.56
N CYS A 66 13.64 7.12 -4.90
CA CYS A 66 14.25 8.09 -4.01
C CYS A 66 15.56 8.59 -4.64
N VAL A 67 16.61 8.74 -3.84
CA VAL A 67 17.83 9.37 -4.33
C VAL A 67 18.63 8.41 -5.23
N ASN A 68 19.08 7.30 -4.65
CA ASN A 68 19.84 6.29 -5.41
C ASN A 68 18.93 5.34 -6.21
N ASP A 69 18.13 5.90 -7.08
CA ASP A 69 17.34 5.14 -8.03
C ASP A 69 17.84 5.51 -9.41
N TYR A 70 18.64 4.62 -9.96
CA TYR A 70 19.20 4.78 -11.29
C TYR A 70 18.35 4.09 -12.34
N THR A 71 17.24 3.50 -11.94
CA THR A 71 16.33 2.89 -12.91
C THR A 71 15.71 3.98 -13.79
N ARG A 72 15.58 5.19 -13.25
CA ARG A 72 15.03 6.31 -14.02
C ARG A 72 15.94 6.67 -15.17
N GLU A 73 17.23 6.78 -14.87
CA GLU A 73 18.21 7.17 -15.87
C GLU A 73 18.41 6.03 -16.87
N TYR A 74 18.38 4.80 -16.39
CA TYR A 74 18.55 3.63 -17.25
C TYR A 74 17.41 3.53 -18.26
N ALA A 75 16.17 3.72 -17.80
CA ALA A 75 15.03 3.70 -18.70
C ALA A 75 15.14 4.78 -19.76
N THR A 76 15.44 6.00 -19.31
CA THR A 76 15.62 7.12 -20.22
C THR A 76 16.69 6.79 -21.27
N ALA A 77 17.82 6.26 -20.81
CA ALA A 77 18.96 6.01 -21.67
C ALA A 77 18.60 5.02 -22.76
N MET A 78 17.89 3.95 -22.39
CA MET A 78 17.51 2.93 -23.36
C MET A 78 16.44 3.42 -24.33
N LEU A 79 15.43 4.11 -23.84
CA LEU A 79 14.40 4.68 -24.70
C LEU A 79 15.02 5.62 -25.73
N ALA A 80 15.92 6.47 -25.25
CA ALA A 80 16.63 7.40 -26.12
C ALA A 80 17.47 6.67 -27.17
N ALA A 81 18.19 5.63 -26.76
CA ALA A 81 18.97 4.80 -27.69
C ALA A 81 18.08 4.09 -28.72
N CYS A 82 16.94 3.59 -28.25
CA CYS A 82 15.95 2.95 -29.12
C CYS A 82 15.44 3.95 -30.17
N LEU A 83 15.00 5.11 -29.71
CA LEU A 83 14.54 6.13 -30.62
C LEU A 83 15.67 6.69 -31.47
N GLY A 84 16.88 6.76 -30.89
CA GLY A 84 18.06 7.26 -31.58
C GLY A 84 18.41 6.44 -32.81
N ARG A 85 18.29 5.12 -32.69
CA ARG A 85 18.47 4.23 -33.83
C ARG A 85 17.54 4.60 -34.98
N HIS A 86 16.23 4.63 -34.71
CA HIS A 86 15.22 4.90 -35.75
C HIS A 86 15.34 6.29 -36.35
N LEU A 87 15.71 7.29 -35.55
CA LEU A 87 15.83 8.65 -36.04
C LEU A 87 17.26 8.98 -36.47
N GLN A 88 18.16 8.00 -36.34
CA GLN A 88 19.59 8.18 -36.57
C GLN A 88 20.08 9.42 -35.86
N LEU A 89 19.80 9.49 -34.56
CA LEU A 89 20.29 10.55 -33.71
C LEU A 89 21.13 10.00 -32.55
N PRO A 90 21.99 10.85 -31.97
CA PRO A 90 22.61 10.48 -30.71
C PRO A 90 21.56 10.54 -29.58
N PRO A 91 21.61 9.56 -28.64
CA PRO A 91 20.72 9.55 -27.49
C PRO A 91 20.57 10.93 -26.86
N HIS A 92 21.69 11.60 -26.62
CA HIS A 92 21.67 12.93 -26.00
C HIS A 92 20.81 13.90 -26.79
N GLU A 93 20.78 13.78 -28.12
CA GLU A 93 19.94 14.63 -28.96
C GLU A 93 18.47 14.28 -28.83
N VAL A 94 18.19 12.99 -28.71
CA VAL A 94 16.81 12.55 -28.52
C VAL A 94 16.27 13.16 -27.23
N GLU A 95 17.11 13.21 -26.19
CA GLU A 95 16.70 13.72 -24.88
C GLU A 95 16.39 15.22 -24.89
N LYS A 96 16.79 15.91 -25.96
CA LYS A 96 16.47 17.34 -26.13
C LYS A 96 15.14 17.49 -26.87
N ARG A 97 14.83 16.48 -27.68
CA ARG A 97 13.66 16.46 -28.54
C ARG A 97 12.44 15.86 -27.81
N VAL A 98 12.69 14.88 -26.94
CA VAL A 98 11.64 14.19 -26.21
C VAL A 98 11.76 14.44 -24.71
N ALA A 99 10.66 14.79 -24.07
CA ALA A 99 10.63 14.95 -22.63
C ALA A 99 10.48 13.57 -21.96
N PHE A 100 11.58 13.06 -21.41
CA PHE A 100 11.55 11.86 -20.60
C PHE A 100 11.38 12.21 -19.13
N VAL A 101 10.28 11.75 -18.55
CA VAL A 101 10.01 11.93 -17.14
C VAL A 101 9.80 10.52 -16.58
N MET A 102 10.83 10.03 -15.88
CA MET A 102 10.79 8.71 -15.26
C MET A 102 10.63 8.87 -13.76
N SER A 103 9.50 8.39 -13.25
CA SER A 103 9.23 8.39 -11.82
C SER A 103 9.44 6.96 -11.31
N GLY A 104 10.48 6.77 -10.51
CA GLY A 104 10.76 5.50 -9.86
C GLY A 104 9.82 5.19 -8.73
N GLY A 105 9.83 3.93 -8.31
CA GLY A 105 9.09 3.52 -7.14
C GLY A 105 7.78 2.91 -7.55
N THR A 106 7.75 1.59 -7.62
CA THR A 106 6.56 0.86 -8.02
C THR A 106 6.25 -0.13 -6.92
N GLU A 107 5.88 0.41 -5.77
CA GLU A 107 5.60 -0.39 -4.61
C GLU A 107 4.18 -0.96 -4.67
N GLY A 108 3.96 -2.02 -3.91
CA GLY A 108 2.66 -2.64 -3.79
C GLY A 108 2.25 -3.24 -5.13
N VAL A 109 1.09 -2.83 -5.64
CA VAL A 109 0.56 -3.38 -6.89
C VAL A 109 0.95 -2.55 -8.11
N LEU A 110 1.74 -1.50 -7.92
CA LEU A 110 2.16 -0.65 -9.03
C LEU A 110 2.98 -1.45 -10.05
N SER A 111 2.59 -1.37 -11.31
CA SER A 111 3.22 -2.20 -12.34
C SER A 111 4.05 -1.31 -13.25
N PRO A 112 5.36 -1.60 -13.37
CA PRO A 112 6.23 -0.79 -14.20
C PRO A 112 5.74 -0.63 -15.63
N HIS A 113 5.80 0.59 -16.15
CA HIS A 113 5.32 0.86 -17.50
C HIS A 113 5.76 2.24 -17.97
N HIS A 114 5.53 2.50 -19.25
CA HIS A 114 5.74 3.82 -19.84
C HIS A 114 4.43 4.29 -20.42
N THR A 115 4.13 5.57 -20.29
CA THR A 115 3.08 6.16 -21.09
C THR A 115 3.76 7.00 -22.16
N VAL A 116 3.57 6.60 -23.41
CA VAL A 116 4.17 7.29 -24.55
C VAL A 116 3.18 8.28 -25.17
N PHE A 117 3.67 9.51 -25.39
CA PHE A 117 2.89 10.57 -25.99
C PHE A 117 3.46 10.93 -27.36
N ALA A 118 2.61 10.85 -28.39
CA ALA A 118 2.98 11.21 -29.77
C ALA A 118 2.10 12.34 -30.26
N ARG A 119 2.70 13.21 -31.05
CA ARG A 119 2.03 14.41 -31.54
C ARG A 119 2.26 14.58 -33.02
N ARG A 120 1.17 14.65 -33.78
CA ARG A 120 1.24 14.79 -35.23
C ARG A 120 0.42 15.98 -35.66
N PRO A 121 0.63 16.46 -36.91
CA PRO A 121 -0.22 17.57 -37.34
C PRO A 121 -1.69 17.21 -37.28
N ALA A 122 -2.51 18.16 -36.78
CA ALA A 122 -3.94 17.95 -36.56
C ALA A 122 -4.57 17.26 -37.77
N ILE A 123 -5.39 16.25 -37.50
CA ILE A 123 -6.14 15.58 -38.57
C ILE A 123 -7.19 16.54 -39.16
N ASP A 124 -7.37 16.48 -40.48
CA ASP A 124 -8.37 17.31 -41.17
C ASP A 124 -9.68 16.53 -41.40
N ALA A 125 -9.53 15.22 -41.61
CA ALA A 125 -10.70 14.35 -41.85
C ALA A 125 -11.58 14.13 -40.60
N HIS A 126 -11.34 14.89 -39.53
CA HIS A 126 -12.10 14.80 -38.28
C HIS A 126 -11.55 15.82 -37.25
N ARG A 127 -12.24 15.95 -36.11
CA ARG A 127 -11.77 16.72 -34.94
C ARG A 127 -12.13 15.98 -33.62
N PRO A 128 -13.41 15.85 -33.31
CA PRO A 128 -14.54 16.27 -34.09
C PRO A 128 -15.13 17.57 -33.58
N ALA A 129 -15.61 17.57 -32.35
CA ALA A 129 -16.31 18.69 -31.82
C ALA A 129 -15.96 18.86 -30.36
N GLY A 130 -15.55 20.08 -30.03
CA GLY A 130 -15.22 20.44 -28.69
C GLY A 130 -13.74 20.25 -28.49
N LYS A 131 -13.34 20.33 -27.23
CA LYS A 131 -11.92 20.28 -26.91
C LYS A 131 -11.48 18.84 -26.77
N ARG A 132 -10.27 18.55 -27.26
CA ARG A 132 -9.67 17.23 -27.13
C ARG A 132 -8.26 17.35 -26.58
N LEU A 133 -7.69 16.21 -26.21
CA LEU A 133 -6.40 16.15 -25.52
C LEU A 133 -5.30 16.83 -26.30
N THR A 134 -4.61 17.76 -25.64
CA THR A 134 -3.40 18.34 -26.18
C THR A 134 -2.31 18.32 -25.13
N LEU A 135 -1.10 18.59 -25.58
CA LEU A 135 0.08 18.40 -24.77
C LEU A 135 1.22 19.27 -25.30
N GLY A 136 1.92 19.96 -24.40
CA GLY A 136 3.09 20.74 -24.75
C GLY A 136 4.19 20.54 -23.73
N ILE A 137 5.44 20.73 -24.14
CA ILE A 137 6.60 20.47 -23.28
C ILE A 137 7.51 21.69 -23.22
N ALA A 138 8.22 21.83 -22.11
CA ALA A 138 9.20 22.89 -21.95
C ALA A 138 10.30 22.44 -21.01
N PHE A 139 11.43 23.13 -21.06
CA PHE A 139 12.58 22.83 -20.22
C PHE A 139 13.07 24.12 -19.61
N THR A 140 13.62 24.05 -18.40
CA THR A 140 14.34 25.19 -17.84
C THR A 140 15.81 24.95 -18.00
N ARG A 141 16.61 25.94 -17.63
CA ARG A 141 18.02 25.77 -17.50
C ARG A 141 18.35 24.86 -16.33
N ASP A 142 19.59 24.38 -16.34
CA ASP A 142 20.18 23.72 -15.20
C ASP A 142 20.20 24.65 -14.01
N PHE A 143 19.88 24.11 -12.84
CA PHE A 143 19.94 24.85 -11.58
C PHE A 143 21.26 24.58 -10.86
N LEU A 144 21.72 25.56 -10.10
CA LEU A 144 22.84 25.33 -9.22
C LEU A 144 22.28 24.58 -8.02
N PRO A 145 23.13 23.79 -7.34
CA PRO A 145 22.69 23.08 -6.15
C PRO A 145 21.97 23.99 -5.16
N GLU A 146 22.58 25.13 -4.86
CA GLU A 146 21.99 26.10 -3.95
C GLU A 146 20.66 26.74 -4.41
N GLU A 147 20.26 26.56 -5.67
CA GLU A 147 18.97 27.09 -6.17
C GLU A 147 17.81 26.13 -5.98
N ILE A 148 18.11 24.85 -5.76
CA ILE A 148 17.06 23.84 -5.64
C ILE A 148 16.27 24.08 -4.35
N GLY A 149 14.95 24.09 -4.48
CA GLY A 149 14.07 24.33 -3.35
C GLY A 149 13.79 25.79 -3.10
N ARG A 150 14.30 26.64 -3.98
CA ARG A 150 14.28 28.09 -3.75
C ARG A 150 13.72 28.91 -4.92
N HIS A 151 13.64 30.22 -4.71
CA HIS A 151 13.00 31.17 -5.62
C HIS A 151 13.34 30.98 -7.10
N ALA A 152 14.61 30.78 -7.41
CA ALA A 152 15.00 30.62 -8.80
C ALA A 152 14.25 29.43 -9.42
N GLN A 153 14.22 28.32 -8.71
CA GLN A 153 13.52 27.13 -9.19
C GLN A 153 12.02 27.40 -9.36
N ILE A 154 11.45 28.20 -8.47
CA ILE A 154 10.03 28.55 -8.58
C ILE A 154 9.76 29.36 -9.84
N THR A 155 10.54 30.43 -10.04
CA THR A 155 10.29 31.37 -11.13
C THR A 155 10.61 30.74 -12.48
N GLU A 156 11.72 30.00 -12.57
CA GLU A 156 12.03 29.26 -13.81
C GLU A 156 10.93 28.28 -14.19
N THR A 157 10.39 27.58 -13.19
CA THR A 157 9.33 26.61 -13.44
C THR A 157 8.08 27.33 -13.98
N ALA A 158 7.67 28.41 -13.30
CA ALA A 158 6.52 29.21 -13.76
C ALA A 158 6.65 29.57 -15.24
N GLY A 159 7.83 30.04 -15.62
CA GLY A 159 8.13 30.37 -17.01
C GLY A 159 7.93 29.21 -17.97
N ALA A 160 8.49 28.05 -17.60
CA ALA A 160 8.43 26.86 -18.47
C ALA A 160 7.00 26.34 -18.61
N VAL A 161 6.21 26.46 -17.54
CA VAL A 161 4.81 26.10 -17.59
C VAL A 161 4.10 26.88 -18.71
N LYS A 162 4.30 28.19 -18.73
CA LYS A 162 3.71 29.07 -19.77
C LYS A 162 4.10 28.65 -21.18
N ARG A 163 5.39 28.42 -21.39
CA ARG A 163 5.87 28.01 -22.70
C ARG A 163 5.28 26.66 -23.12
N ALA A 164 5.14 25.76 -22.14
CA ALA A 164 4.59 24.44 -22.38
C ALA A 164 3.13 24.57 -22.78
N MET A 165 2.41 25.40 -22.03
CA MET A 165 1.07 25.78 -22.41
C MET A 165 0.97 26.23 -23.86
N ARG A 166 1.84 27.17 -24.24
CA ARG A 166 1.85 27.72 -25.60
C ARG A 166 2.11 26.60 -26.60
N ASP A 167 3.15 25.84 -26.34
CA ASP A 167 3.53 24.69 -27.17
C ASP A 167 2.38 23.68 -27.31
N ALA A 168 1.58 23.54 -26.26
CA ALA A 168 0.41 22.66 -26.28
C ALA A 168 -0.77 23.26 -27.06
N GLY A 169 -0.82 24.58 -27.12
CA GLY A 169 -1.97 25.29 -27.68
C GLY A 169 -3.12 25.30 -26.68
N ILE A 170 -2.82 25.60 -25.42
CA ILE A 170 -3.84 25.64 -24.38
C ILE A 170 -4.31 27.08 -24.17
N ALA A 171 -5.58 27.32 -24.51
CA ALA A 171 -6.13 28.66 -24.57
C ALA A 171 -6.06 29.38 -23.23
N SER A 172 -6.49 28.68 -22.18
CA SER A 172 -6.54 29.26 -20.85
C SER A 172 -6.24 28.24 -19.74
N ILE A 173 -6.08 28.77 -18.53
CA ILE A 173 -5.83 27.97 -17.34
C ILE A 173 -6.94 26.91 -17.20
N ASP A 174 -8.18 27.30 -17.50
CA ASP A 174 -9.33 26.40 -17.37
C ASP A 174 -9.19 25.12 -18.20
N ASP A 175 -8.48 25.20 -19.34
CA ASP A 175 -8.28 24.04 -20.20
C ASP A 175 -7.05 23.21 -19.82
N LEU A 176 -6.33 23.67 -18.80
CA LEU A 176 -5.16 22.96 -18.31
C LEU A 176 -5.61 21.94 -17.25
N HIS A 177 -5.20 20.69 -17.44
CA HIS A 177 -5.67 19.60 -16.58
C HIS A 177 -4.57 18.88 -15.78
N PHE A 178 -3.32 19.01 -16.22
CA PHE A 178 -2.21 18.33 -15.58
C PHE A 178 -0.87 18.93 -15.98
N VAL A 179 -0.05 19.24 -14.98
CA VAL A 179 1.30 19.75 -15.23
C VAL A 179 2.30 18.87 -14.50
N GLN A 180 3.00 18.05 -15.28
CA GLN A 180 4.03 17.18 -14.75
C GLN A 180 5.35 17.91 -14.82
N VAL A 181 6.09 17.91 -13.72
CA VAL A 181 7.42 18.47 -13.70
C VAL A 181 8.43 17.48 -13.16
N LYS A 182 9.52 17.27 -13.89
CA LYS A 182 10.65 16.50 -13.39
C LYS A 182 11.68 17.47 -12.91
N CYS A 183 12.24 17.20 -11.74
CA CYS A 183 13.16 18.14 -11.14
C CYS A 183 14.36 17.45 -10.48
N PRO A 184 15.40 18.23 -10.15
CA PRO A 184 16.61 17.64 -9.59
C PRO A 184 16.54 17.37 -8.10
N LEU A 185 17.65 16.90 -7.56
CA LEU A 185 17.77 16.64 -6.14
C LEU A 185 19.21 16.85 -5.78
N LEU A 186 19.50 16.82 -4.49
CA LEU A 186 20.84 17.11 -4.02
C LEU A 186 21.61 15.83 -3.71
N THR A 187 22.88 15.81 -4.08
CA THR A 187 23.78 14.73 -3.72
C THR A 187 24.84 15.33 -2.83
N PRO A 188 25.61 14.49 -2.12
CA PRO A 188 26.70 15.02 -1.30
C PRO A 188 27.67 15.87 -2.11
N ALA A 189 27.96 15.48 -3.35
CA ALA A 189 28.88 16.25 -4.21
C ALA A 189 28.31 17.63 -4.52
N LYS A 190 27.03 17.68 -4.88
CA LYS A 190 26.35 18.96 -5.13
C LYS A 190 26.34 19.82 -3.88
N ILE A 191 26.11 19.20 -2.74
CA ILE A 191 26.11 19.92 -1.47
C ILE A 191 27.50 20.51 -1.19
N ALA A 192 28.53 19.71 -1.39
CA ALA A 192 29.91 20.17 -1.24
C ALA A 192 30.22 21.30 -2.21
N SER A 193 29.71 21.22 -3.42
CA SER A 193 29.91 22.27 -4.39
C SER A 193 29.26 23.58 -3.96
N ALA A 194 28.01 23.51 -3.52
CA ALA A 194 27.32 24.71 -3.02
C ALA A 194 28.11 25.30 -1.86
N ARG A 195 28.54 24.45 -0.93
CA ARG A 195 29.29 24.88 0.25
C ARG A 195 30.60 25.60 -0.12
N SER A 196 31.29 25.06 -1.12
CA SER A 196 32.57 25.64 -1.55
C SER A 196 32.40 27.05 -2.17
N ARG A 197 31.17 27.40 -2.55
CA ARG A 197 30.84 28.77 -2.99
C ARG A 197 30.22 29.60 -1.84
N GLY A 198 30.39 29.14 -0.60
CA GLY A 198 29.82 29.81 0.56
C GLY A 198 28.31 29.81 0.68
N CYS A 199 27.62 29.00 -0.13
CA CYS A 199 26.15 28.98 -0.13
C CYS A 199 25.67 27.73 0.56
N ALA A 200 24.71 27.89 1.47
CA ALA A 200 24.09 26.75 2.11
C ALA A 200 23.01 26.19 1.18
N PRO A 201 23.02 24.86 0.93
CA PRO A 201 21.90 24.25 0.25
C PRO A 201 20.64 24.32 1.10
N VAL A 202 19.48 24.19 0.47
CA VAL A 202 18.24 24.28 1.21
C VAL A 202 18.15 23.22 2.34
N THR A 203 18.74 22.05 2.12
CA THR A 203 18.90 21.04 3.15
C THR A 203 20.20 20.30 2.94
N THR A 204 20.67 19.58 3.94
CA THR A 204 21.86 18.73 3.76
C THR A 204 21.51 17.24 3.67
N ASP A 205 20.22 16.93 3.77
CA ASP A 205 19.73 15.58 3.64
C ASP A 205 19.22 15.35 2.21
N THR A 206 19.79 14.36 1.54
CA THR A 206 19.53 14.13 0.13
C THR A 206 18.08 13.72 -0.11
N TYR A 207 17.55 12.88 0.76
CA TYR A 207 16.15 12.48 0.66
C TYR A 207 15.22 13.69 0.76
N GLU A 208 15.41 14.51 1.79
CA GLU A 208 14.58 15.71 2.01
C GLU A 208 14.71 16.67 0.85
N SER A 209 15.88 16.71 0.22
CA SER A 209 16.05 17.61 -0.93
C SER A 209 15.00 17.36 -1.99
N MET A 210 14.59 16.10 -2.13
CA MET A 210 13.61 15.74 -3.14
C MET A 210 12.29 16.48 -2.90
N GLY A 211 11.86 16.52 -1.65
CA GLY A 211 10.65 17.26 -1.26
C GLY A 211 10.74 18.73 -1.56
N TYR A 212 11.87 19.34 -1.22
CA TYR A 212 12.08 20.77 -1.51
C TYR A 212 12.06 21.04 -2.99
N SER A 213 12.66 20.15 -3.78
CA SER A 213 12.70 20.33 -5.22
C SER A 213 11.29 20.19 -5.82
N ARG A 214 10.59 19.13 -5.42
CA ARG A 214 9.21 18.95 -5.81
C ARG A 214 8.35 20.15 -5.39
N GLY A 215 8.55 20.62 -4.16
CA GLY A 215 7.72 21.69 -3.61
C GLY A 215 7.90 23.03 -4.31
N ALA A 216 9.14 23.46 -4.46
CA ALA A 216 9.44 24.68 -5.19
C ALA A 216 8.86 24.61 -6.60
N SER A 217 9.00 23.45 -7.23
CA SER A 217 8.52 23.25 -8.60
C SER A 217 7.00 23.33 -8.64
N ALA A 218 6.36 22.71 -7.67
CA ALA A 218 4.92 22.78 -7.55
C ALA A 218 4.45 24.22 -7.37
N LEU A 219 5.11 24.97 -6.51
CA LEU A 219 4.78 26.39 -6.33
C LEU A 219 5.02 27.20 -7.61
N GLY A 220 6.00 26.79 -8.40
CA GLY A 220 6.21 27.40 -9.71
C GLY A 220 4.98 27.24 -10.59
N ILE A 221 4.38 26.06 -10.54
CA ILE A 221 3.19 25.78 -11.32
C ILE A 221 2.04 26.63 -10.79
N ALA A 222 1.92 26.68 -9.48
CA ALA A 222 0.87 27.48 -8.83
C ALA A 222 0.98 28.96 -9.17
N LEU A 223 2.22 29.45 -9.30
CA LEU A 223 2.47 30.82 -9.71
C LEU A 223 1.93 31.04 -11.13
N ALA A 224 2.35 30.20 -12.07
CA ALA A 224 1.94 30.31 -13.47
C ALA A 224 0.44 30.13 -13.66
N THR A 225 -0.20 29.33 -12.82
CA THR A 225 -1.64 29.14 -12.90
C THR A 225 -2.44 30.17 -12.07
N GLU A 226 -1.73 31.11 -11.43
CA GLU A 226 -2.36 32.16 -10.62
C GLU A 226 -3.17 31.55 -9.49
N GLU A 227 -2.78 30.36 -9.08
CA GLU A 227 -3.43 29.65 -7.98
C GLU A 227 -2.84 30.12 -6.65
N VAL A 228 -1.66 30.72 -6.72
CA VAL A 228 -1.03 31.33 -5.57
C VAL A 228 -0.44 32.68 -5.96
N PRO A 229 -0.80 33.74 -5.23
CA PRO A 229 -0.24 35.05 -5.55
C PRO A 229 1.26 35.08 -5.34
N SER A 230 1.96 35.62 -6.34
CA SER A 230 3.42 35.80 -6.30
C SER A 230 3.96 36.30 -4.96
N SER A 231 3.23 37.19 -4.31
CA SER A 231 3.69 37.80 -3.06
C SER A 231 4.00 36.78 -1.93
N MET A 232 3.26 35.68 -1.89
CA MET A 232 3.42 34.69 -0.80
C MET A 232 4.49 33.64 -1.05
N LEU A 233 5.07 33.63 -2.26
CA LEU A 233 6.06 32.63 -2.61
C LEU A 233 7.44 33.10 -2.22
N VAL A 234 7.73 33.00 -0.93
CA VAL A 234 9.09 33.24 -0.44
C VAL A 234 9.73 31.92 -0.05
N ASP A 235 11.06 31.87 -0.11
CA ASP A 235 11.82 30.63 0.14
C ASP A 235 11.41 29.92 1.43
N GLU A 236 11.25 30.72 2.48
CA GLU A 236 10.88 30.26 3.82
C GLU A 236 9.49 29.63 3.90
N SER A 237 8.69 29.78 2.84
CA SER A 237 7.35 29.17 2.78
C SER A 237 7.38 27.76 2.17
N VAL A 238 8.46 27.45 1.43
CA VAL A 238 8.60 26.14 0.78
C VAL A 238 8.75 25.08 1.88
N LEU A 239 7.98 24.01 1.72
CA LEU A 239 7.70 23.00 2.76
C LEU A 239 7.17 23.46 4.13
N ASN A 240 6.79 24.72 4.28
CA ASN A 240 6.28 25.21 5.56
C ASN A 240 4.78 25.47 5.47
N ASP A 241 4.40 26.29 4.50
CA ASP A 241 3.02 26.72 4.31
C ASP A 241 2.21 25.73 3.48
N TRP A 242 1.57 24.80 4.15
CA TRP A 242 0.77 23.78 3.47
C TRP A 242 -0.46 24.31 2.73
N SER A 243 -0.86 25.54 3.04
CA SER A 243 -2.03 26.15 2.38
C SER A 243 -1.71 26.56 0.94
N LEU A 244 -0.43 26.79 0.63
CA LEU A 244 -0.02 27.14 -0.71
C LEU A 244 0.10 25.88 -1.58
N SER A 245 -0.63 25.84 -2.69
CA SER A 245 -0.62 24.66 -3.53
C SER A 245 -1.25 24.86 -4.90
N SER A 246 -0.86 24.02 -5.84
CA SER A 246 -1.53 23.89 -7.12
C SER A 246 -2.30 22.58 -7.09
N SER A 247 -3.52 22.63 -7.59
CA SER A 247 -4.36 21.45 -7.72
C SER A 247 -4.12 20.74 -9.06
N LEU A 248 -3.09 21.18 -9.77
CA LEU A 248 -2.72 20.62 -11.07
C LEU A 248 -1.30 20.08 -11.10
N ALA A 249 -0.49 20.42 -10.11
CA ALA A 249 0.93 20.14 -10.14
C ALA A 249 1.22 18.68 -9.78
N SER A 250 2.02 18.01 -10.62
CA SER A 250 2.61 16.74 -10.29
C SER A 250 4.13 16.84 -10.46
N ALA A 251 4.86 16.88 -9.35
CA ALA A 251 6.31 16.99 -9.37
C ALA A 251 7.00 15.69 -8.94
N SER A 252 8.10 15.39 -9.61
CA SER A 252 8.88 14.19 -9.37
C SER A 252 10.37 14.56 -9.47
N ALA A 253 11.12 14.29 -8.41
CA ALA A 253 12.55 14.57 -8.38
C ALA A 253 13.37 13.37 -8.82
N GLY A 254 14.59 13.65 -9.23
CA GLY A 254 15.45 12.60 -9.78
C GLY A 254 16.88 13.03 -9.81
N ILE A 255 17.78 12.05 -9.68
CA ILE A 255 19.22 12.27 -9.70
C ILE A 255 19.76 12.40 -11.12
N GLU A 256 18.91 12.18 -12.12
CA GLU A 256 19.33 12.04 -13.52
C GLU A 256 19.31 13.37 -14.30
N LEU A 257 19.06 14.49 -13.63
CA LEU A 257 18.99 15.76 -14.34
C LEU A 257 19.23 16.93 -13.42
N GLU A 258 19.73 18.02 -13.99
CA GLU A 258 19.99 19.25 -13.24
C GLU A 258 18.99 20.36 -13.53
N HIS A 259 18.10 20.15 -14.49
CA HIS A 259 17.11 21.13 -14.88
C HIS A 259 15.71 20.63 -14.56
N ASN A 260 14.68 21.42 -14.89
CA ASN A 260 13.30 20.96 -14.82
C ASN A 260 12.73 20.65 -16.20
N VAL A 261 12.00 19.56 -16.28
CA VAL A 261 11.28 19.17 -17.48
C VAL A 261 9.81 19.34 -17.15
N VAL A 262 9.09 20.06 -18.01
CA VAL A 262 7.69 20.34 -17.79
C VAL A 262 6.86 19.80 -18.94
N ILE A 263 5.83 19.04 -18.60
CA ILE A 263 4.83 18.57 -19.56
C ILE A 263 3.50 19.12 -19.10
N ALA A 264 2.88 19.92 -19.96
CA ALA A 264 1.55 20.43 -19.71
C ALA A 264 0.55 19.66 -20.55
N ILE A 265 -0.49 19.12 -19.89
CA ILE A 265 -1.53 18.37 -20.56
C ILE A 265 -2.89 19.02 -20.34
N GLY A 266 -3.65 19.14 -21.41
CA GLY A 266 -4.95 19.75 -21.31
C GLY A 266 -5.80 19.51 -22.52
N MET A 267 -6.74 20.41 -22.72
CA MET A 267 -7.75 20.27 -23.75
C MET A 267 -7.71 21.48 -24.69
N SER A 268 -7.78 21.21 -26.00
CA SER A 268 -7.74 22.29 -26.97
C SER A 268 -8.74 22.06 -28.09
N GLU A 269 -9.32 23.15 -28.59
CA GLU A 269 -10.23 23.08 -29.73
C GLU A 269 -9.46 22.74 -31.01
N GLN A 270 -8.16 23.03 -31.00
CA GLN A 270 -7.31 22.79 -32.15
C GLN A 270 -6.83 21.35 -32.22
N ALA A 271 -7.10 20.56 -31.18
CA ALA A 271 -6.66 19.18 -31.14
C ALA A 271 -7.73 18.23 -31.70
N THR A 272 -7.28 17.19 -32.40
CA THR A 272 -8.19 16.22 -33.00
C THR A 272 -8.03 14.82 -32.39
N SER A 273 -7.40 14.77 -31.23
CA SER A 273 -7.15 13.52 -30.55
C SER A 273 -8.45 12.79 -30.21
N GLU A 274 -8.44 11.47 -30.31
CA GLU A 274 -9.58 10.64 -29.88
C GLU A 274 -9.53 10.43 -28.38
N LEU A 275 -9.05 11.43 -27.64
CA LEU A 275 -8.78 11.29 -26.23
C LEU A 275 -9.18 12.54 -25.48
N VAL A 276 -9.48 12.37 -24.20
CA VAL A 276 -9.82 13.49 -23.34
C VAL A 276 -9.13 13.34 -22.00
N ILE A 277 -9.03 14.44 -21.28
CA ILE A 277 -8.44 14.41 -19.96
C ILE A 277 -9.33 15.16 -19.00
N ALA A 278 -9.50 14.58 -17.80
CA ALA A 278 -10.21 15.22 -16.70
C ALA A 278 -9.32 15.13 -15.49
N HIS A 279 -9.50 16.02 -14.52
CA HIS A 279 -8.67 16.02 -13.33
C HIS A 279 -9.47 16.21 -12.07
N GLY A 280 -8.83 15.82 -10.97
CA GLY A 280 -9.37 16.05 -9.64
C GLY A 280 -8.26 16.06 -8.61
N VAL A 281 -8.66 16.04 -7.34
CA VAL A 281 -7.74 15.96 -6.21
C VAL A 281 -8.20 14.86 -5.26
N MET A 282 -7.24 14.13 -4.74
CA MET A 282 -7.52 13.21 -3.64
C MET A 282 -7.36 14.01 -2.37
N SER A 283 -8.38 14.01 -1.53
CA SER A 283 -8.30 14.72 -0.25
C SER A 283 -7.30 14.08 0.66
N ASP A 284 -7.13 12.77 0.51
CA ASP A 284 -6.05 12.07 1.21
C ASP A 284 -5.64 10.80 0.45
N ALA A 285 -4.66 10.09 0.98
CA ALA A 285 -4.05 8.93 0.30
C ALA A 285 -5.01 7.81 -0.08
N ILE A 286 -6.10 7.67 0.68
CA ILE A 286 -7.05 6.57 0.45
C ILE A 286 -8.38 7.07 -0.13
N ASP A 287 -8.40 8.30 -0.65
CA ASP A 287 -9.59 8.90 -1.24
C ASP A 287 -9.85 8.34 -2.64
N ALA A 288 -10.17 7.05 -2.69
CA ALA A 288 -10.59 6.38 -3.91
C ALA A 288 -11.86 7.03 -4.48
N ALA A 289 -12.72 7.50 -3.57
CA ALA A 289 -13.99 8.08 -3.93
C ALA A 289 -13.81 9.15 -5.01
N SER A 290 -12.92 10.13 -4.76
CA SER A 290 -12.65 11.22 -5.73
C SER A 290 -12.28 10.69 -7.08
N VAL A 291 -11.49 9.62 -7.08
CA VAL A 291 -11.04 9.05 -8.32
C VAL A 291 -12.24 8.50 -9.07
N ARG A 292 -13.09 7.74 -8.38
CA ARG A 292 -14.30 7.22 -9.00
C ARG A 292 -15.22 8.34 -9.46
N ARG A 293 -15.33 9.38 -8.65
CA ARG A 293 -16.16 10.54 -8.97
C ARG A 293 -15.69 11.26 -10.23
N THR A 294 -14.37 11.41 -10.39
CA THR A 294 -13.81 12.03 -11.59
C THR A 294 -13.91 11.09 -12.78
N ILE A 295 -13.74 9.80 -12.55
CA ILE A 295 -13.90 8.81 -13.61
C ILE A 295 -15.33 8.85 -14.10
N GLU A 296 -16.26 8.85 -13.15
CA GLU A 296 -17.69 8.87 -13.48
C GLU A 296 -18.09 10.14 -14.23
N SER A 297 -17.41 11.27 -13.95
CA SER A 297 -17.61 12.51 -14.71
C SER A 297 -17.16 12.45 -16.19
N LEU A 298 -16.63 11.29 -16.59
CA LEU A 298 -16.34 10.98 -17.99
C LEU A 298 -17.25 9.86 -18.53
N GLY A 299 -18.42 9.69 -17.91
CA GLY A 299 -19.32 8.60 -18.30
C GLY A 299 -18.73 7.20 -18.21
N ILE A 300 -17.89 6.95 -17.20
CA ILE A 300 -17.40 5.61 -16.94
C ILE A 300 -17.94 5.10 -15.60
N ARG A 301 -18.68 4.00 -15.63
CA ARG A 301 -19.40 3.51 -14.45
C ARG A 301 -19.58 1.99 -14.36
N SER A 302 -18.65 1.23 -14.93
CA SER A 302 -18.65 -0.21 -14.74
C SER A 302 -17.37 -0.76 -15.31
N ASP A 303 -16.88 -1.83 -14.68
CA ASP A 303 -15.47 -2.25 -14.79
C ASP A 303 -15.07 -2.78 -16.18
N ASP A 304 -15.98 -2.60 -17.13
CA ASP A 304 -15.90 -3.07 -18.51
C ASP A 304 -15.86 -1.86 -19.44
N GLU A 305 -16.40 -0.74 -18.96
CA GLU A 305 -16.13 0.56 -19.55
C GLU A 305 -14.72 1.04 -19.19
N MET A 306 -14.19 0.55 -18.06
CA MET A 306 -12.86 0.95 -17.56
C MET A 306 -11.75 0.94 -18.61
N ASP A 307 -11.78 -0.04 -19.52
CA ASP A 307 -10.76 -0.10 -20.55
C ASP A 307 -10.81 1.09 -21.54
N ARG A 308 -11.76 2.00 -21.36
CA ARG A 308 -11.71 3.30 -22.05
C ARG A 308 -10.66 4.22 -21.44
N ILE A 309 -10.26 3.96 -20.21
CA ILE A 309 -9.16 4.71 -19.60
C ILE A 309 -7.80 4.23 -20.14
N VAL A 310 -7.02 5.18 -20.63
CA VAL A 310 -5.66 4.86 -21.12
C VAL A 310 -4.71 4.75 -19.93
N ASN A 311 -4.79 5.70 -19.02
CA ASN A 311 -4.04 5.67 -17.78
C ASN A 311 -4.55 6.67 -16.76
N VAL A 312 -4.10 6.49 -15.52
CA VAL A 312 -4.35 7.46 -14.45
C VAL A 312 -3.01 7.92 -13.90
N PHE A 313 -2.94 9.20 -13.54
CA PHE A 313 -1.71 9.87 -13.10
C PHE A 313 -2.05 10.55 -11.82
N ALA A 314 -1.33 10.20 -10.75
CA ALA A 314 -1.73 10.63 -9.42
C ALA A 314 -0.55 10.91 -8.53
N LYS A 315 -0.74 11.89 -7.66
CA LYS A 315 0.22 12.25 -6.63
C LYS A 315 -0.28 11.70 -5.30
N ALA A 316 0.66 11.22 -4.48
CA ALA A 316 0.36 10.64 -3.18
C ALA A 316 1.42 11.07 -2.19
N GLU A 317 1.01 11.22 -0.94
CA GLU A 317 1.97 11.58 0.09
C GLU A 317 1.51 11.16 1.45
N ALA A 318 2.48 10.96 2.33
CA ALA A 318 2.21 10.72 3.72
C ALA A 318 1.70 12.02 4.34
N SER A 319 0.52 11.98 4.93
CA SER A 319 -0.06 13.16 5.53
C SER A 319 0.90 13.73 6.56
N PRO A 320 1.33 14.98 6.36
CA PRO A 320 2.39 15.53 7.24
C PRO A 320 1.98 15.83 8.70
N ASP A 321 0.69 15.80 9.01
CA ASP A 321 0.24 15.89 10.41
C ASP A 321 0.38 14.55 11.14
N GLY A 322 0.74 13.50 10.40
CA GLY A 322 1.00 12.20 10.99
C GLY A 322 -0.24 11.41 11.26
N VAL A 323 -1.35 11.83 10.65
CA VAL A 323 -2.65 11.16 10.85
C VAL A 323 -3.38 11.07 9.52
N VAL A 324 -4.15 10.01 9.38
CA VAL A 324 -5.04 9.86 8.26
C VAL A 324 -6.42 9.55 8.82
N ARG A 325 -7.35 10.45 8.54
CA ARG A 325 -8.72 10.40 9.06
C ARG A 325 -8.76 10.12 10.54
N GLY A 326 -7.96 10.87 11.29
CA GLY A 326 -7.99 10.83 12.75
C GLY A 326 -7.09 9.77 13.36
N MET A 327 -6.63 8.82 12.55
CA MET A 327 -5.77 7.74 13.03
C MET A 327 -4.32 8.00 12.65
N ARG A 328 -3.44 7.78 13.61
CA ARG A 328 -2.02 7.90 13.42
C ARG A 328 -1.51 6.93 12.34
N HIS A 329 -0.59 7.41 11.52
CA HIS A 329 0.15 6.56 10.59
C HIS A 329 1.64 6.64 10.94
N THR A 330 2.40 5.68 10.40
CA THR A 330 3.81 5.51 10.72
C THR A 330 4.71 5.78 9.53
N MET A 331 4.13 6.28 8.45
CA MET A 331 4.86 6.52 7.20
C MET A 331 5.97 7.54 7.32
N LEU A 332 5.83 8.48 8.24
CA LEU A 332 6.86 9.53 8.43
C LEU A 332 7.85 9.23 9.56
N SER A 333 7.66 8.08 10.21
CA SER A 333 8.49 7.67 11.34
C SER A 333 9.28 6.42 11.03
N ASP A 334 9.11 5.90 9.83
CA ASP A 334 9.71 4.64 9.43
C ASP A 334 11.04 4.91 8.75
N SER A 335 12.13 4.59 9.41
CA SER A 335 13.46 4.82 8.89
C SER A 335 13.96 3.69 7.97
N ASP A 336 13.21 2.59 7.88
CA ASP A 336 13.52 1.53 6.90
C ASP A 336 12.91 1.87 5.55
N ILE A 337 11.67 2.34 5.56
CA ILE A 337 10.92 2.63 4.35
C ILE A 337 10.45 4.08 4.36
N ASN A 338 10.93 4.85 3.40
CA ASN A 338 10.61 6.27 3.32
C ASN A 338 9.16 6.54 2.98
N SER A 339 8.67 7.69 3.43
CA SER A 339 7.26 8.01 3.41
C SER A 339 6.70 7.93 2.00
N THR A 340 7.48 8.36 1.02
CA THR A 340 7.04 8.35 -0.37
C THR A 340 6.80 6.94 -0.88
N ARG A 341 7.58 5.98 -0.39
CA ARG A 341 7.40 4.60 -0.79
C ARG A 341 6.08 4.05 -0.23
N HIS A 342 5.82 4.33 1.04
CA HIS A 342 4.54 3.97 1.65
C HIS A 342 3.38 4.57 0.90
N ALA A 343 3.49 5.87 0.66
CA ALA A 343 2.45 6.63 0.05
C ALA A 343 2.10 6.11 -1.32
N ARG A 344 3.11 5.80 -2.13
CA ARG A 344 2.83 5.23 -3.44
C ARG A 344 2.15 3.88 -3.33
N ALA A 345 2.55 3.08 -2.36
CA ALA A 345 1.93 1.78 -2.20
C ALA A 345 0.44 1.95 -1.88
N VAL A 346 0.16 2.83 -0.94
CA VAL A 346 -1.19 3.06 -0.47
C VAL A 346 -2.10 3.55 -1.59
N THR A 347 -1.68 4.63 -2.25
CA THR A 347 -2.50 5.26 -3.27
C THR A 347 -2.55 4.41 -4.53
N GLY A 348 -1.44 3.73 -4.84
CA GLY A 348 -1.46 2.77 -5.93
C GLY A 348 -2.55 1.72 -5.69
N ALA A 349 -2.69 1.28 -4.45
CA ALA A 349 -3.69 0.28 -4.09
C ALA A 349 -5.10 0.84 -4.21
N ALA A 350 -5.30 2.02 -3.64
CA ALA A 350 -6.59 2.68 -3.67
C ALA A 350 -7.08 2.82 -5.12
N ILE A 351 -6.21 3.34 -5.99
CA ILE A 351 -6.55 3.50 -7.39
C ILE A 351 -6.76 2.14 -8.10
N ALA A 352 -5.91 1.18 -7.81
CA ALA A 352 -6.04 -0.14 -8.41
C ALA A 352 -7.40 -0.77 -8.11
N SER A 353 -7.88 -0.58 -6.89
CA SER A 353 -9.18 -1.14 -6.49
C SER A 353 -10.32 -0.55 -7.31
N VAL A 354 -10.10 0.65 -7.83
CA VAL A 354 -11.07 1.32 -8.69
C VAL A 354 -10.94 0.90 -10.16
N VAL A 355 -9.75 1.02 -10.75
CA VAL A 355 -9.59 0.75 -12.19
C VAL A 355 -9.37 -0.73 -12.52
N GLY A 356 -9.00 -1.51 -11.51
CA GLY A 356 -8.94 -2.96 -11.65
C GLY A 356 -7.54 -3.52 -11.74
N HIS A 357 -6.53 -2.66 -11.70
CA HIS A 357 -5.14 -3.10 -11.78
C HIS A 357 -4.19 -1.98 -11.38
N GLY A 358 -2.91 -2.30 -11.24
CA GLY A 358 -1.91 -1.35 -10.74
C GLY A 358 -0.97 -0.72 -11.76
N MET A 359 -1.23 -0.93 -13.04
CA MET A 359 -0.48 -0.25 -14.08
C MET A 359 -0.98 1.17 -14.26
N VAL A 360 -0.73 1.98 -13.24
CA VAL A 360 -1.07 3.39 -13.24
C VAL A 360 0.12 4.22 -12.77
N TYR A 361 0.16 5.47 -13.19
CA TYR A 361 1.21 6.39 -12.79
C TYR A 361 0.87 7.00 -11.43
N VAL A 362 1.55 6.53 -10.39
CA VAL A 362 1.46 7.15 -9.08
C VAL A 362 2.86 7.60 -8.65
N SER A 363 2.94 8.87 -8.32
CA SER A 363 4.16 9.49 -7.85
C SER A 363 3.94 9.95 -6.42
N GLY A 364 5.01 9.96 -5.64
CA GLY A 364 4.98 10.23 -4.22
C GLY A 364 5.59 11.58 -3.90
N GLY A 365 5.14 12.18 -2.79
CA GLY A 365 5.65 13.47 -2.35
C GLY A 365 4.88 14.58 -3.04
N ALA A 366 3.84 15.06 -2.38
CA ALA A 366 2.85 15.94 -2.99
C ALA A 366 2.83 17.28 -2.26
N GLU A 367 4.02 17.76 -1.98
CA GLU A 367 4.21 19.01 -1.28
C GLU A 367 3.75 20.16 -2.16
N HIS A 368 2.81 20.95 -1.66
CA HIS A 368 2.18 22.05 -2.40
C HIS A 368 1.52 21.55 -3.66
N GLN A 369 1.04 20.30 -3.61
CA GLN A 369 0.33 19.70 -4.72
C GLN A 369 -0.94 19.18 -4.14
N GLY A 370 -2.05 19.83 -4.50
CA GLY A 370 -3.33 19.48 -3.92
C GLY A 370 -3.28 19.78 -2.44
N PRO A 371 -4.23 19.20 -1.68
CA PRO A 371 -4.25 19.44 -0.24
C PRO A 371 -3.10 18.72 0.46
N ALA A 372 -2.69 19.25 1.60
CA ALA A 372 -1.72 18.56 2.44
C ALA A 372 -2.28 17.18 2.81
N GLY A 373 -1.50 16.13 2.55
CA GLY A 373 -1.96 14.74 2.74
C GLY A 373 -2.64 14.14 1.53
N GLY A 374 -3.07 14.99 0.61
CA GLY A 374 -3.67 14.54 -0.64
C GLY A 374 -2.84 14.98 -1.82
N GLY A 375 -3.40 14.83 -3.00
CA GLY A 375 -2.66 15.14 -4.21
C GLY A 375 -3.54 15.18 -5.44
N PRO A 376 -3.12 15.97 -6.43
CA PRO A 376 -3.85 16.01 -7.68
C PRO A 376 -3.74 14.70 -8.44
N PHE A 377 -4.74 14.43 -9.27
CA PHE A 377 -4.65 13.35 -10.23
C PHE A 377 -5.40 13.73 -11.50
N ALA A 378 -5.09 13.03 -12.58
CA ALA A 378 -5.78 13.18 -13.85
C ALA A 378 -6.01 11.83 -14.48
N VAL A 379 -7.01 11.78 -15.35
CA VAL A 379 -7.39 10.59 -16.09
C VAL A 379 -7.43 10.86 -17.60
N ILE A 380 -6.81 9.99 -18.38
CA ILE A 380 -6.85 10.10 -19.83
C ILE A 380 -7.71 8.94 -20.34
N ALA A 381 -8.68 9.27 -21.19
CA ALA A 381 -9.64 8.30 -21.67
C ALA A 381 -9.97 8.53 -23.13
N ARG A 382 -10.45 7.48 -23.78
CA ARG A 382 -10.97 7.56 -25.14
C ARG A 382 -12.15 8.52 -25.13
N ALA A 383 -12.25 9.31 -26.19
CA ALA A 383 -13.39 10.22 -26.35
C ALA A 383 -14.72 9.45 -26.34
N HIS B 20 -20.18 -23.94 28.47
CA HIS B 20 -19.51 -22.97 27.54
C HIS B 20 -20.49 -21.90 27.04
N MET B 21 -21.02 -21.15 27.99
CA MET B 21 -22.02 -20.16 27.72
C MET B 21 -21.41 -18.83 28.12
N TYR B 22 -20.93 -18.09 27.13
CA TYR B 22 -20.14 -16.91 27.42
C TYR B 22 -20.81 -15.61 27.05
N HIS B 23 -20.34 -14.54 27.67
CA HIS B 23 -20.55 -13.20 27.17
C HIS B 23 -19.18 -12.61 26.74
N ILE B 24 -19.01 -12.35 25.45
CA ILE B 24 -17.77 -11.81 24.91
C ILE B 24 -17.85 -10.33 24.68
N ASP B 25 -16.81 -9.62 25.12
CA ASP B 25 -16.65 -8.20 24.84
C ASP B 25 -15.39 -8.01 24.00
N VAL B 26 -15.44 -7.06 23.06
CA VAL B 26 -14.32 -6.77 22.18
C VAL B 26 -14.07 -5.27 22.13
N PHE B 27 -12.82 -4.87 22.34
CA PHE B 27 -12.45 -3.46 22.33
C PHE B 27 -11.25 -3.22 21.42
N ARG B 28 -11.40 -2.32 20.46
CA ARG B 28 -10.30 -1.85 19.65
C ARG B 28 -9.72 -0.62 20.33
N ILE B 29 -8.45 -0.67 20.72
CA ILE B 29 -7.83 0.45 21.40
C ILE B 29 -6.58 0.92 20.68
N PRO B 30 -6.46 2.23 20.45
CA PRO B 30 -5.27 2.75 19.80
C PRO B 30 -4.02 2.57 20.63
N CYS B 31 -2.87 2.47 19.95
CA CYS B 31 -1.57 2.53 20.59
C CYS B 31 -0.75 3.66 20.01
N HIS B 32 -0.11 4.45 20.85
CA HIS B 32 0.78 5.50 20.36
C HIS B 32 2.18 4.95 20.12
N SER B 33 2.43 3.76 20.66
CA SER B 33 3.71 3.08 20.50
C SER B 33 3.54 1.61 20.94
N PRO B 34 4.50 0.73 20.62
CA PRO B 34 4.32 -0.69 20.93
C PRO B 34 4.09 -0.98 22.40
N GLY B 35 4.77 -0.24 23.26
CA GLY B 35 4.63 -0.44 24.70
C GLY B 35 3.44 0.25 25.34
N ASP B 36 2.66 1.00 24.57
CA ASP B 36 1.55 1.78 25.12
C ASP B 36 0.40 0.89 25.60
N THR B 37 0.17 0.91 26.91
CA THR B 37 -0.95 0.19 27.52
C THR B 37 -2.02 1.16 28.05
N SER B 38 -1.95 2.43 27.66
CA SER B 38 -2.80 3.47 28.26
C SER B 38 -4.26 3.30 27.91
N GLY B 39 -4.51 2.89 26.66
CA GLY B 39 -5.86 2.59 26.23
C GLY B 39 -6.48 1.45 27.03
N LEU B 40 -5.65 0.50 27.45
CA LEU B 40 -6.10 -0.61 28.27
C LEU B 40 -6.25 -0.24 29.73
N GLU B 41 -5.35 0.59 30.25
CA GLU B 41 -5.48 1.10 31.62
C GLU B 41 -6.79 1.86 31.75
N ASP B 42 -7.13 2.63 30.72
CA ASP B 42 -8.33 3.42 30.74
C ASP B 42 -9.59 2.55 30.82
N LEU B 43 -9.64 1.47 30.02
CA LEU B 43 -10.77 0.55 30.08
C LEU B 43 -10.93 -0.07 31.48
N ILE B 44 -9.81 -0.41 32.10
CA ILE B 44 -9.84 -1.01 33.41
C ILE B 44 -10.27 0.05 34.43
N GLU B 45 -9.55 1.17 34.45
CA GLU B 45 -9.76 2.26 35.41
C GLU B 45 -11.18 2.84 35.36
N THR B 46 -11.87 2.69 34.22
CA THR B 46 -13.28 3.12 34.09
C THR B 46 -14.33 2.00 34.18
N GLY B 47 -13.93 0.83 34.69
CA GLY B 47 -14.87 -0.28 34.90
C GLY B 47 -15.48 -0.91 33.65
N ARG B 48 -14.99 -0.52 32.49
CA ARG B 48 -15.50 -1.03 31.21
C ARG B 48 -15.07 -2.48 30.92
N VAL B 49 -13.97 -2.91 31.53
CA VAL B 49 -13.53 -4.30 31.42
C VAL B 49 -12.82 -4.71 32.69
N ALA B 50 -13.02 -5.98 33.06
CA ALA B 50 -12.38 -6.56 34.23
C ALA B 50 -11.16 -7.37 33.78
N PRO B 51 -9.98 -7.03 34.31
CA PRO B 51 -8.71 -7.67 33.98
C PRO B 51 -8.77 -9.18 33.94
N ALA B 52 -9.47 -9.78 34.88
CA ALA B 52 -9.54 -11.23 35.00
C ALA B 52 -10.32 -11.88 33.86
N ASP B 53 -11.16 -11.11 33.18
CA ASP B 53 -11.97 -11.66 32.08
C ASP B 53 -11.25 -11.67 30.73
N ILE B 54 -10.15 -10.94 30.61
CA ILE B 54 -9.45 -10.83 29.36
C ILE B 54 -8.78 -12.15 29.04
N VAL B 55 -9.07 -12.70 27.87
CA VAL B 55 -8.57 -14.00 27.47
C VAL B 55 -7.66 -13.95 26.24
N ALA B 56 -7.74 -12.86 25.47
CA ALA B 56 -6.91 -12.73 24.28
C ALA B 56 -6.75 -11.28 23.84
N VAL B 57 -5.56 -10.97 23.33
CA VAL B 57 -5.31 -9.69 22.69
C VAL B 57 -4.65 -9.91 21.35
N MET B 58 -5.25 -9.37 20.31
CA MET B 58 -4.67 -9.38 18.97
C MET B 58 -4.23 -7.96 18.61
N GLY B 59 -2.93 -7.79 18.44
CA GLY B 59 -2.35 -6.48 18.23
C GLY B 59 -1.69 -6.30 16.88
N LYS B 60 -1.64 -5.04 16.44
CA LYS B 60 -0.83 -4.63 15.31
C LYS B 60 0.19 -3.66 15.84
N THR B 61 1.47 -4.03 15.78
CA THR B 61 2.57 -3.24 16.30
C THR B 61 3.47 -2.72 15.17
N GLU B 62 4.13 -1.59 15.40
CA GLU B 62 4.76 -0.86 14.29
C GLU B 62 6.21 -1.20 13.97
N GLY B 63 6.63 -2.39 14.37
CA GLY B 63 7.86 -2.97 13.86
C GLY B 63 7.69 -3.40 12.42
N ASN B 64 8.68 -4.08 11.86
CA ASN B 64 8.68 -4.42 10.42
C ASN B 64 7.87 -5.68 10.08
N GLY B 65 7.40 -6.39 11.11
CA GLY B 65 6.54 -7.55 10.92
C GLY B 65 7.26 -8.79 10.38
N CYS B 66 8.57 -8.71 10.31
CA CYS B 66 9.37 -9.80 9.79
C CYS B 66 10.15 -10.50 10.91
N VAL B 67 11.42 -10.82 10.69
CA VAL B 67 12.17 -11.60 11.67
C VAL B 67 12.58 -10.75 12.88
N ASN B 68 13.39 -9.73 12.64
CA ASN B 68 13.86 -8.85 13.72
C ASN B 68 12.85 -7.74 14.06
N ASP B 69 11.66 -8.16 14.45
CA ASP B 69 10.65 -7.26 14.95
C ASP B 69 10.39 -7.67 16.37
N TYR B 70 10.93 -6.90 17.29
CA TYR B 70 10.74 -7.13 18.70
C TYR B 70 9.63 -6.27 19.28
N THR B 71 8.93 -5.53 18.43
CA THR B 71 7.79 -4.74 18.89
C THR B 71 6.69 -5.67 19.32
N ARG B 72 6.66 -6.87 18.73
CA ARG B 72 5.65 -7.85 19.08
C ARG B 72 5.84 -8.31 20.53
N GLU B 73 7.09 -8.63 20.87
CA GLU B 73 7.41 -9.12 22.21
C GLU B 73 7.25 -8.00 23.22
N TYR B 74 7.63 -6.79 22.83
CA TYR B 74 7.56 -5.64 23.72
C TYR B 74 6.11 -5.36 24.09
N ALA B 75 5.22 -5.35 23.09
CA ALA B 75 3.81 -5.12 23.37
C ALA B 75 3.24 -6.18 24.30
N THR B 76 3.54 -7.44 24.00
CA THR B 76 3.12 -8.53 24.85
C THR B 76 3.62 -8.34 26.27
N ALA B 77 4.90 -7.99 26.40
CA ALA B 77 5.51 -7.87 27.71
C ALA B 77 4.83 -6.82 28.56
N MET B 78 4.54 -5.66 27.95
CA MET B 78 3.91 -4.58 28.69
C MET B 78 2.47 -4.89 29.04
N LEU B 79 1.71 -5.44 28.09
CA LEU B 79 0.33 -5.82 28.36
C LEU B 79 0.27 -6.80 29.52
N ALA B 80 1.15 -7.79 29.47
CA ALA B 80 1.24 -8.78 30.53
C ALA B 80 1.59 -8.14 31.88
N ALA B 81 2.57 -7.24 31.89
CA ALA B 81 2.94 -6.50 33.11
C ALA B 81 1.78 -5.64 33.64
N CYS B 82 1.07 -5.01 32.72
CA CYS B 82 -0.09 -4.22 33.06
C CYS B 82 -1.16 -5.10 33.70
N LEU B 83 -1.49 -6.20 33.06
CA LEU B 83 -2.48 -7.13 33.61
C LEU B 83 -1.96 -7.84 34.86
N GLY B 84 -0.66 -8.09 34.90
CA GLY B 84 -0.01 -8.71 36.05
C GLY B 84 -0.17 -7.91 37.33
N ARG B 85 -0.02 -6.59 37.23
CA ARG B 85 -0.27 -5.70 38.36
C ARG B 85 -1.66 -5.91 38.93
N HIS B 86 -2.67 -5.77 38.08
CA HIS B 86 -4.07 -5.85 38.53
C HIS B 86 -4.43 -7.21 39.07
N LEU B 87 -3.89 -8.27 38.48
CA LEU B 87 -4.20 -9.64 38.92
C LEU B 87 -3.20 -10.15 39.95
N GLN B 88 -2.23 -9.31 40.28
CA GLN B 88 -1.10 -9.68 41.13
C GLN B 88 -0.51 -11.01 40.67
N LEU B 89 -0.17 -11.06 39.39
CA LEU B 89 0.51 -12.22 38.81
C LEU B 89 1.85 -11.83 38.22
N PRO B 90 2.76 -12.80 38.08
CA PRO B 90 3.92 -12.56 37.24
C PRO B 90 3.53 -12.50 35.74
N PRO B 91 4.15 -11.57 34.99
CA PRO B 91 3.88 -11.44 33.55
C PRO B 91 3.86 -12.80 32.86
N HIS B 92 4.86 -13.63 33.15
CA HIS B 92 4.94 -14.96 32.57
C HIS B 92 3.68 -15.78 32.78
N GLU B 93 3.06 -15.61 33.93
CA GLU B 93 1.82 -16.31 34.24
C GLU B 93 0.63 -15.76 33.47
N VAL B 94 0.62 -14.44 33.28
CA VAL B 94 -0.42 -13.82 32.49
C VAL B 94 -0.37 -14.36 31.06
N GLU B 95 0.84 -14.55 30.53
CA GLU B 95 1.04 -15.04 29.16
C GLU B 95 0.55 -16.49 28.95
N LYS B 96 0.28 -17.21 30.04
CA LYS B 96 -0.30 -18.55 29.95
C LYS B 96 -1.82 -18.49 29.98
N ARG B 97 -2.31 -17.43 30.60
CA ARG B 97 -3.73 -17.23 30.86
C ARG B 97 -4.38 -16.50 29.68
N VAL B 98 -3.63 -15.58 29.08
CA VAL B 98 -4.12 -14.75 27.99
C VAL B 98 -3.36 -15.06 26.71
N ALA B 99 -4.10 -15.25 25.63
CA ALA B 99 -3.48 -15.43 24.33
C ALA B 99 -3.09 -14.08 23.71
N PHE B 100 -1.80 -13.77 23.76
CA PHE B 100 -1.27 -12.59 23.07
C PHE B 100 -0.81 -12.95 21.68
N VAL B 101 -1.41 -12.34 20.68
CA VAL B 101 -1.01 -12.51 19.29
C VAL B 101 -0.71 -11.11 18.74
N MET B 102 0.57 -10.80 18.62
CA MET B 102 1.03 -9.51 18.13
C MET B 102 1.58 -9.67 16.73
N SER B 103 0.92 -9.02 15.79
CA SER B 103 1.33 -9.04 14.41
C SER B 103 1.96 -7.69 14.10
N GLY B 104 3.27 -7.70 13.90
CA GLY B 104 4.00 -6.51 13.48
C GLY B 104 3.77 -6.10 12.04
N GLY B 105 4.18 -4.87 11.73
CA GLY B 105 4.10 -4.37 10.37
C GLY B 105 2.85 -3.58 10.16
N THR B 106 2.97 -2.26 10.26
CA THR B 106 1.85 -1.36 10.11
C THR B 106 2.22 -0.38 9.04
N GLU B 107 2.37 -0.89 7.84
CA GLU B 107 2.78 -0.08 6.70
C GLU B 107 1.60 0.70 6.12
N GLY B 108 1.91 1.78 5.41
CA GLY B 108 0.90 2.57 4.73
C GLY B 108 0.03 3.27 5.74
N VAL B 109 -1.28 3.05 5.66
CA VAL B 109 -2.23 3.73 6.54
C VAL B 109 -2.56 2.92 7.80
N LEU B 110 -1.95 1.75 7.93
CA LEU B 110 -2.24 0.86 9.06
C LEU B 110 -1.87 1.54 10.37
N SER B 111 -2.82 1.58 11.30
CA SER B 111 -2.63 2.31 12.54
C SER B 111 -2.46 1.34 13.69
N PRO B 112 -1.32 1.40 14.39
CA PRO B 112 -1.07 0.50 15.51
C PRO B 112 -2.20 0.47 16.53
N HIS B 113 -2.58 -0.72 16.98
CA HIS B 113 -3.66 -0.87 17.94
C HIS B 113 -3.71 -2.30 18.50
N HIS B 114 -4.52 -2.48 19.53
CA HIS B 114 -4.81 -3.79 20.10
C HIS B 114 -6.30 -4.04 19.98
N THR B 115 -6.68 -5.28 19.67
CA THR B 115 -8.05 -5.68 19.89
C THR B 115 -8.10 -6.58 21.11
N VAL B 116 -8.78 -6.11 22.16
CA VAL B 116 -8.89 -6.84 23.41
C VAL B 116 -10.16 -7.67 23.47
N PHE B 117 -10.02 -8.94 23.83
CA PHE B 117 -11.15 -9.85 23.99
C PHE B 117 -11.34 -10.25 25.46
N ALA B 118 -12.54 -10.03 25.99
CA ALA B 118 -12.91 -10.41 27.35
C ALA B 118 -14.06 -11.41 27.33
N ARG B 119 -14.05 -12.35 28.28
CA ARG B 119 -15.02 -13.42 28.34
C ARG B 119 -15.55 -13.60 29.76
N ARG B 120 -16.86 -13.50 29.91
CA ARG B 120 -17.52 -13.75 31.18
C ARG B 120 -18.50 -14.86 30.95
N PRO B 121 -18.91 -15.54 32.02
CA PRO B 121 -19.99 -16.51 31.87
C PRO B 121 -21.25 -15.84 31.34
N ALA B 122 -21.99 -16.58 30.52
CA ALA B 122 -23.15 -16.06 29.81
C ALA B 122 -24.01 -15.17 30.70
N ILE B 123 -24.36 -13.99 30.19
CA ILE B 123 -25.12 -13.00 30.95
C ILE B 123 -26.54 -13.55 31.13
N ASP B 124 -26.64 -14.42 32.15
CA ASP B 124 -27.86 -15.12 32.55
C ASP B 124 -28.62 -15.71 31.36
N ALA B 125 -29.96 -15.78 31.38
CA ALA B 125 -30.71 -16.40 30.28
C ALA B 125 -32.12 -15.85 30.05
N HIS B 126 -32.34 -14.93 29.09
CA HIS B 126 -31.34 -14.12 28.36
C HIS B 126 -30.71 -14.64 27.08
N ARG B 127 -31.16 -15.79 26.60
CA ARG B 127 -30.70 -16.28 25.31
C ARG B 127 -31.15 -15.31 24.21
N PRO B 128 -30.20 -14.55 23.59
CA PRO B 128 -30.75 -13.70 22.52
C PRO B 128 -31.35 -14.50 21.38
N ALA B 129 -31.95 -13.79 20.45
CA ALA B 129 -32.77 -14.44 19.43
C ALA B 129 -31.96 -15.42 18.58
N GLY B 130 -30.71 -15.05 18.26
CA GLY B 130 -29.83 -15.87 17.41
C GLY B 130 -28.47 -16.19 18.02
N LYS B 131 -27.55 -16.67 17.18
CA LYS B 131 -26.19 -17.02 17.61
C LYS B 131 -25.46 -15.70 17.80
N ARG B 132 -24.52 -15.68 18.74
CA ARG B 132 -23.70 -14.51 18.96
C ARG B 132 -22.22 -14.89 19.10
N LEU B 133 -21.37 -13.86 19.11
CA LEU B 133 -19.91 -14.04 19.09
C LEU B 133 -19.41 -14.88 20.26
N THR B 134 -18.63 -15.89 19.93
CA THR B 134 -17.90 -16.64 20.93
C THR B 134 -16.46 -16.79 20.51
N LEU B 135 -15.65 -17.21 21.45
CA LEU B 135 -14.22 -17.24 21.26
C LEU B 135 -13.58 -18.25 22.22
N GLY B 136 -12.64 -19.04 21.69
CA GLY B 136 -11.88 -19.98 22.51
C GLY B 136 -10.42 -19.94 22.11
N ILE B 137 -9.55 -20.31 23.06
CA ILE B 137 -8.11 -20.26 22.83
C ILE B 137 -7.45 -21.59 23.13
N ALA B 138 -6.33 -21.84 22.49
CA ALA B 138 -5.54 -23.04 22.77
C ALA B 138 -4.07 -22.78 22.46
N PHE B 139 -3.21 -23.64 23.00
CA PHE B 139 -1.77 -23.55 22.77
C PHE B 139 -1.25 -24.92 22.39
N THR B 140 -0.20 -24.96 21.59
CA THR B 140 0.53 -26.20 21.37
C THR B 140 1.78 -26.18 22.21
N ARG B 141 2.50 -27.29 22.20
CA ARG B 141 3.82 -27.35 22.77
C ARG B 141 4.79 -26.54 21.92
N ASP B 142 5.94 -26.26 22.52
CA ASP B 142 7.08 -25.73 21.81
C ASP B 142 7.51 -26.71 20.73
N PHE B 143 7.85 -26.17 19.55
CA PHE B 143 8.36 -26.96 18.44
C PHE B 143 9.87 -26.92 18.40
N LEU B 144 10.46 -28.00 17.91
CA LEU B 144 11.87 -28.02 17.67
C LEU B 144 12.06 -27.27 16.38
N PRO B 145 13.23 -26.67 16.20
CA PRO B 145 13.52 -25.94 14.98
C PRO B 145 13.21 -26.74 13.71
N GLU B 146 13.68 -27.98 13.68
CA GLU B 146 13.44 -28.88 12.55
C GLU B 146 11.96 -29.24 12.32
N GLU B 147 11.07 -28.95 13.27
CA GLU B 147 9.64 -29.22 13.10
C GLU B 147 8.88 -28.09 12.46
N ILE B 148 9.45 -26.89 12.45
CA ILE B 148 8.78 -25.74 11.87
C ILE B 148 8.64 -25.90 10.36
N GLY B 149 7.43 -25.66 9.87
CA GLY B 149 7.14 -25.79 8.45
C GLY B 149 6.80 -27.20 8.05
N ARG B 150 6.69 -28.09 9.03
CA ARG B 150 6.55 -29.50 8.76
C ARG B 150 5.39 -30.17 9.51
N HIS B 151 5.23 -31.46 9.23
CA HIS B 151 4.11 -32.26 9.70
C HIS B 151 3.75 -32.07 11.17
N ALA B 152 4.76 -32.05 12.04
CA ALA B 152 4.48 -31.93 13.46
C ALA B 152 3.73 -30.62 13.74
N GLN B 153 4.20 -29.54 13.14
CA GLN B 153 3.54 -28.24 13.29
C GLN B 153 2.11 -28.29 12.74
N ILE B 154 1.90 -29.01 11.65
CA ILE B 154 0.56 -29.14 11.07
C ILE B 154 -0.37 -29.85 12.03
N THR B 155 0.07 -31.01 12.53
CA THR B 155 -0.80 -31.87 13.33
C THR B 155 -1.06 -31.24 14.70
N GLU B 156 -0.03 -30.69 15.33
CA GLU B 156 -0.20 -29.98 16.60
C GLU B 156 -1.18 -28.81 16.49
N THR B 157 -1.09 -28.07 15.38
CA THR B 157 -2.00 -26.96 15.14
C THR B 157 -3.43 -27.47 15.00
N ALA B 158 -3.65 -28.49 14.16
CA ALA B 158 -4.98 -29.10 14.00
C ALA B 158 -5.60 -29.44 15.35
N GLY B 159 -4.81 -30.08 16.22
CA GLY B 159 -5.24 -30.40 17.56
C GLY B 159 -5.67 -29.21 18.38
N ALA B 160 -4.85 -28.16 18.38
CA ALA B 160 -5.14 -26.95 19.15
C ALA B 160 -6.37 -26.21 18.63
N VAL B 161 -6.57 -26.22 17.31
CA VAL B 161 -7.76 -25.64 16.72
C VAL B 161 -9.01 -26.28 17.32
N LYS B 162 -9.02 -27.61 17.36
CA LYS B 162 -10.15 -28.38 17.89
C LYS B 162 -10.40 -28.02 19.35
N ARG B 163 -9.35 -27.97 20.17
CA ARG B 163 -9.51 -27.62 21.58
C ARG B 163 -10.05 -26.19 21.75
N ALA B 164 -9.58 -25.29 20.88
CA ALA B 164 -10.01 -23.90 20.89
C ALA B 164 -11.49 -23.81 20.53
N MET B 165 -11.87 -24.53 19.48
CA MET B 165 -13.27 -24.70 19.15
C MET B 165 -14.11 -25.15 20.36
N ARG B 166 -13.65 -26.20 21.05
CA ARG B 166 -14.34 -26.70 22.23
C ARG B 166 -14.43 -25.63 23.32
N ASP B 167 -13.30 -25.04 23.63
CA ASP B 167 -13.21 -23.96 24.62
C ASP B 167 -14.13 -22.78 24.26
N ALA B 168 -14.32 -22.55 22.96
CA ALA B 168 -15.23 -21.49 22.50
C ALA B 168 -16.70 -21.90 22.60
N GLY B 169 -16.96 -23.21 22.56
CA GLY B 169 -18.32 -23.74 22.51
C GLY B 169 -18.88 -23.58 21.12
N ILE B 170 -18.07 -23.94 20.13
CA ILE B 170 -18.47 -23.85 18.74
C ILE B 170 -18.95 -25.23 18.29
N ALA B 171 -20.25 -25.32 18.03
CA ALA B 171 -20.92 -26.58 17.76
C ALA B 171 -20.34 -27.27 16.55
N SER B 172 -20.19 -26.53 15.46
CA SER B 172 -19.73 -27.09 14.21
C SER B 172 -18.84 -26.13 13.40
N ILE B 173 -18.24 -26.69 12.36
CA ILE B 173 -17.37 -25.94 11.46
C ILE B 173 -18.14 -24.73 10.91
N ASP B 174 -19.43 -24.94 10.62
CA ASP B 174 -20.27 -23.90 10.04
C ASP B 174 -20.34 -22.65 10.91
N ASP B 175 -20.23 -22.81 12.22
CA ASP B 175 -20.26 -21.68 13.15
C ASP B 175 -18.87 -21.06 13.40
N LEU B 176 -17.83 -21.63 12.78
CA LEU B 176 -16.48 -21.12 12.92
C LEU B 176 -16.21 -20.07 11.85
N HIS B 177 -15.74 -18.90 12.26
CA HIS B 177 -15.60 -17.78 11.34
C HIS B 177 -14.18 -17.25 11.18
N PHE B 178 -13.32 -17.55 12.14
CA PHE B 178 -11.94 -17.07 12.09
C PHE B 178 -11.03 -17.85 13.01
N VAL B 179 -9.89 -18.29 12.48
CA VAL B 179 -8.89 -18.97 13.30
C VAL B 179 -7.54 -18.27 13.17
N GLN B 180 -7.16 -17.55 14.21
CA GLN B 180 -5.89 -16.86 14.25
C GLN B 180 -4.86 -17.75 14.89
N VAL B 181 -3.70 -17.88 14.25
CA VAL B 181 -2.60 -18.61 14.84
C VAL B 181 -1.33 -17.80 14.85
N LYS B 182 -0.67 -17.77 16.00
CA LYS B 182 0.67 -17.20 16.11
C LYS B 182 1.66 -18.34 16.13
N CYS B 183 2.72 -18.20 15.34
CA CYS B 183 3.65 -19.29 15.19
C CYS B 183 5.11 -18.82 15.17
N PRO B 184 6.06 -19.76 15.31
CA PRO B 184 7.47 -19.39 15.43
C PRO B 184 8.13 -19.16 14.09
N LEU B 185 9.43 -18.90 14.15
CA LEU B 185 10.25 -18.74 12.96
C LEU B 185 11.63 -19.22 13.30
N LEU B 186 12.51 -19.30 12.30
CA LEU B 186 13.86 -19.83 12.50
C LEU B 186 14.87 -18.71 12.63
N THR B 187 15.84 -18.93 13.52
CA THR B 187 17.01 -18.06 13.65
C THR B 187 18.24 -18.91 13.37
N PRO B 188 19.39 -18.27 13.11
CA PRO B 188 20.64 -19.03 12.95
C PRO B 188 20.94 -19.98 14.12
N ALA B 189 20.67 -19.57 15.36
CA ALA B 189 20.90 -20.45 16.52
C ALA B 189 19.99 -21.66 16.47
N LYS B 190 18.72 -21.44 16.18
CA LYS B 190 17.80 -22.56 16.01
C LYS B 190 18.20 -23.50 14.86
N ILE B 191 18.65 -22.93 13.76
CA ILE B 191 19.17 -23.70 12.62
C ILE B 191 20.39 -24.55 13.03
N ALA B 192 21.32 -23.96 13.77
CA ALA B 192 22.47 -24.69 14.29
C ALA B 192 22.07 -25.83 15.22
N SER B 193 21.05 -25.58 16.04
CA SER B 193 20.57 -26.57 16.97
C SER B 193 19.96 -27.77 16.21
N ALA B 194 19.16 -27.49 15.19
CA ALA B 194 18.62 -28.56 14.35
C ALA B 194 19.75 -29.36 13.70
N ARG B 195 20.72 -28.64 13.15
CA ARG B 195 21.83 -29.29 12.48
C ARG B 195 22.63 -30.21 13.39
N SER B 196 22.82 -29.78 14.64
CA SER B 196 23.59 -30.56 15.60
C SER B 196 22.90 -31.89 15.96
N ARG B 197 21.60 -32.02 15.66
CA ARG B 197 20.88 -33.29 15.81
C ARG B 197 20.76 -34.05 14.48
N GLY B 198 21.60 -33.67 13.51
CA GLY B 198 21.55 -34.26 12.18
C GLY B 198 20.32 -33.98 11.35
N CYS B 199 19.49 -33.01 11.75
CA CYS B 199 18.27 -32.68 11.01
C CYS B 199 18.44 -31.38 10.25
N ALA B 200 18.03 -31.38 8.99
CA ALA B 200 17.99 -30.15 8.20
C ALA B 200 16.71 -29.36 8.53
N PRO B 201 16.83 -28.04 8.75
CA PRO B 201 15.63 -27.21 8.87
C PRO B 201 14.93 -27.06 7.52
N VAL B 202 13.66 -26.72 7.54
CA VAL B 202 12.89 -26.61 6.32
C VAL B 202 13.49 -25.57 5.33
N THR B 203 14.11 -24.54 5.86
CA THR B 203 14.88 -23.58 5.06
C THR B 203 16.04 -23.08 5.90
N THR B 204 17.02 -22.42 5.28
CA THR B 204 18.08 -21.78 6.06
C THR B 204 17.95 -20.26 6.04
N ASP B 205 16.92 -19.77 5.35
CA ASP B 205 16.63 -18.33 5.30
C ASP B 205 15.55 -17.96 6.32
N THR B 206 15.89 -17.06 7.23
CA THR B 206 15.04 -16.74 8.36
C THR B 206 13.74 -16.11 7.91
N TYR B 207 13.81 -15.21 6.93
CA TYR B 207 12.58 -14.61 6.36
C TYR B 207 11.63 -15.65 5.79
N GLU B 208 12.16 -16.52 4.92
CA GLU B 208 11.38 -17.60 4.31
C GLU B 208 10.81 -18.53 5.36
N SER B 209 11.54 -18.75 6.46
CA SER B 209 11.02 -19.61 7.52
C SER B 209 9.64 -19.16 7.99
N MET B 210 9.40 -17.84 7.97
CA MET B 210 8.11 -17.29 8.42
C MET B 210 6.97 -17.81 7.57
N GLY B 211 7.16 -17.79 6.25
CA GLY B 211 6.18 -18.34 5.31
C GLY B 211 5.89 -19.82 5.57
N TYR B 212 6.94 -20.61 5.76
CA TYR B 212 6.77 -22.02 6.06
C TYR B 212 6.03 -22.24 7.34
N SER B 213 6.33 -21.44 8.35
CA SER B 213 5.67 -21.58 9.66
C SER B 213 4.19 -21.20 9.54
N ARG B 214 3.92 -20.06 8.90
CA ARG B 214 2.55 -19.66 8.62
C ARG B 214 1.82 -20.72 7.82
N GLY B 215 2.49 -21.25 6.81
CA GLY B 215 1.86 -22.20 5.88
C GLY B 215 1.49 -23.51 6.53
N ALA B 216 2.45 -24.14 7.21
CA ALA B 216 2.19 -25.34 7.94
C ALA B 216 1.04 -25.14 8.94
N SER B 217 1.05 -24.00 9.62
CA SER B 217 0.02 -23.70 10.60
C SER B 217 -1.35 -23.56 9.93
N ALA B 218 -1.38 -22.87 8.80
CA ALA B 218 -2.59 -22.71 8.04
C ALA B 218 -3.13 -24.07 7.61
N LEU B 219 -2.27 -24.94 7.11
CA LEU B 219 -2.68 -26.28 6.73
C LEU B 219 -3.18 -27.09 7.95
N GLY B 220 -2.62 -26.82 9.12
CA GLY B 220 -3.13 -27.41 10.35
C GLY B 220 -4.57 -27.03 10.59
N ILE B 221 -4.90 -25.77 10.32
CA ILE B 221 -6.26 -25.30 10.46
C ILE B 221 -7.15 -25.98 9.43
N ALA B 222 -6.67 -26.05 8.20
CA ALA B 222 -7.40 -26.70 7.10
C ALA B 222 -7.67 -28.17 7.38
N LEU B 223 -6.73 -28.82 8.05
CA LEU B 223 -6.91 -30.20 8.47
C LEU B 223 -8.06 -30.29 9.47
N ALA B 224 -7.98 -29.49 10.54
CA ALA B 224 -8.99 -29.51 11.60
C ALA B 224 -10.37 -29.12 11.10
N THR B 225 -10.43 -28.26 10.09
CA THR B 225 -11.71 -27.86 9.53
C THR B 225 -12.19 -28.76 8.42
N GLU B 226 -11.41 -29.79 8.09
CA GLU B 226 -11.78 -30.72 7.02
C GLU B 226 -11.90 -30.01 5.67
N GLU B 227 -11.18 -28.89 5.52
CA GLU B 227 -11.12 -28.15 4.26
C GLU B 227 -10.10 -28.77 3.33
N VAL B 228 -9.18 -29.54 3.89
CA VAL B 228 -8.18 -30.24 3.11
C VAL B 228 -8.05 -31.66 3.65
N PRO B 229 -8.13 -32.65 2.74
CA PRO B 229 -8.00 -34.03 3.21
C PRO B 229 -6.61 -34.30 3.75
N SER B 230 -6.56 -34.92 4.93
CA SER B 230 -5.31 -35.33 5.58
C SER B 230 -4.26 -35.94 4.62
N SER B 231 -4.70 -36.74 3.66
CA SER B 231 -3.80 -37.43 2.73
C SER B 231 -2.86 -36.50 1.96
N MET B 232 -3.33 -35.29 1.64
CA MET B 232 -2.55 -34.37 0.83
C MET B 232 -1.53 -33.52 1.59
N LEU B 233 -1.57 -33.58 2.93
CA LEU B 233 -0.73 -32.72 3.76
C LEU B 233 0.67 -33.29 4.05
N VAL B 234 1.42 -33.54 3.00
CA VAL B 234 2.81 -33.96 3.15
C VAL B 234 3.70 -32.73 3.19
N ASP B 235 4.84 -32.86 3.84
CA ASP B 235 5.76 -31.74 4.09
C ASP B 235 6.08 -30.94 2.85
N GLU B 236 6.41 -31.67 1.80
N GLU B 236 6.43 -31.65 1.79
CA GLU B 236 6.82 -31.09 0.54
CA GLU B 236 6.83 -30.99 0.56
C GLU B 236 5.69 -30.38 -0.21
C GLU B 236 5.68 -30.31 -0.18
N SER B 237 4.45 -30.43 0.31
CA SER B 237 3.34 -29.67 -0.24
C SER B 237 3.28 -28.27 0.38
N VAL B 238 3.92 -28.11 1.53
CA VAL B 238 3.97 -26.83 2.21
C VAL B 238 4.76 -25.84 1.37
N LEU B 239 4.19 -24.65 1.19
CA LEU B 239 4.57 -23.64 0.18
C LEU B 239 4.65 -24.05 -1.30
N ASN B 240 4.21 -25.23 -1.68
CA ASN B 240 4.25 -25.62 -3.09
C ASN B 240 2.86 -25.65 -3.66
N ASP B 241 1.99 -26.40 -3.00
CA ASP B 241 0.67 -26.60 -3.50
C ASP B 241 -0.26 -25.44 -3.09
N TRP B 242 -0.35 -24.45 -3.95
CA TRP B 242 -1.22 -23.30 -3.72
C TRP B 242 -2.71 -23.63 -3.61
N SER B 243 -3.12 -24.78 -4.13
CA SER B 243 -4.54 -25.16 -4.10
C SER B 243 -5.00 -25.58 -2.71
N LEU B 244 -4.07 -25.99 -1.85
CA LEU B 244 -4.41 -26.39 -0.49
C LEU B 244 -4.52 -25.15 0.39
N SER B 245 -5.67 -24.98 1.04
CA SER B 245 -5.87 -23.81 1.88
C SER B 245 -7.09 -23.89 2.80
N SER B 246 -7.05 -23.10 3.85
CA SER B 246 -8.20 -22.85 4.66
C SER B 246 -8.67 -21.46 4.35
N SER B 247 -9.99 -21.32 4.24
CA SER B 247 -10.63 -20.05 4.01
C SER B 247 -10.93 -19.32 5.34
N LEU B 248 -10.43 -19.88 6.44
CA LEU B 248 -10.62 -19.35 7.78
C LEU B 248 -9.30 -19.02 8.47
N ALA B 249 -8.18 -19.49 7.92
CA ALA B 249 -6.90 -19.42 8.62
C ALA B 249 -6.25 -18.04 8.51
N SER B 250 -5.84 -17.49 9.64
CA SER B 250 -4.98 -16.32 9.66
C SER B 250 -3.76 -16.64 10.51
N ALA B 251 -2.61 -16.81 9.85
CA ALA B 251 -1.36 -17.15 10.52
C ALA B 251 -0.36 -16.00 10.51
N SER B 252 0.35 -15.85 11.62
CA SER B 252 1.30 -14.80 11.82
C SER B 252 2.50 -15.37 12.58
N ALA B 253 3.69 -15.26 12.01
CA ALA B 253 4.90 -15.77 12.62
C ALA B 253 5.61 -14.70 13.46
N GLY B 254 6.46 -15.16 14.37
CA GLY B 254 7.11 -14.26 15.29
C GLY B 254 8.30 -14.91 15.95
N ILE B 255 9.29 -14.09 16.29
CA ILE B 255 10.50 -14.53 16.96
C ILE B 255 10.29 -14.68 18.47
N GLU B 256 9.12 -14.29 18.97
CA GLU B 256 8.88 -14.17 20.41
C GLU B 256 8.32 -15.44 21.05
N LEU B 257 8.22 -16.53 20.29
CA LEU B 257 7.64 -17.73 20.83
C LEU B 257 8.11 -18.96 20.07
N GLU B 258 8.13 -20.11 20.76
CA GLU B 258 8.50 -21.39 20.16
C GLU B 258 7.30 -22.32 19.93
N HIS B 259 6.12 -21.92 20.41
CA HIS B 259 4.91 -22.71 20.26
C HIS B 259 3.91 -22.00 19.35
N ASN B 260 2.76 -22.61 19.13
CA ASN B 260 1.66 -21.94 18.43
C ASN B 260 0.60 -21.51 19.41
N VAL B 261 0.07 -20.32 19.17
CA VAL B 261 -1.06 -19.81 19.91
C VAL B 261 -2.24 -19.76 18.95
N VAL B 262 -3.36 -20.32 19.37
CA VAL B 262 -4.54 -20.40 18.52
C VAL B 262 -5.72 -19.73 19.18
N ILE B 263 -6.37 -18.83 18.42
CA ILE B 263 -7.62 -18.24 18.81
C ILE B 263 -8.67 -18.57 17.77
N ALA B 264 -9.73 -19.24 18.21
CA ALA B 264 -10.86 -19.57 17.35
C ALA B 264 -12.03 -18.65 17.68
N ILE B 265 -12.57 -18.00 16.64
CA ILE B 265 -13.66 -17.08 16.83
C ILE B 265 -14.84 -17.49 15.96
N GLY B 266 -16.03 -17.46 16.55
CA GLY B 266 -17.21 -17.89 15.84
C GLY B 266 -18.50 -17.51 16.54
N MET B 267 -19.55 -18.25 16.24
CA MET B 267 -20.90 -17.96 16.70
C MET B 267 -21.49 -19.13 17.46
N SER B 268 -22.17 -18.84 18.56
CA SER B 268 -22.81 -19.89 19.35
C SER B 268 -24.15 -19.42 19.88
N GLU B 269 -25.10 -20.36 19.98
CA GLU B 269 -26.43 -20.11 20.56
C GLU B 269 -26.32 -19.87 22.06
N GLN B 270 -25.24 -20.35 22.67
CA GLN B 270 -25.00 -20.25 24.10
C GLN B 270 -24.34 -18.92 24.47
N ALA B 271 -23.93 -18.14 23.48
CA ALA B 271 -23.27 -16.86 23.73
C ALA B 271 -24.30 -15.75 23.80
N THR B 272 -24.09 -14.78 24.68
CA THR B 272 -25.00 -13.66 24.85
C THR B 272 -24.36 -12.33 24.45
N SER B 273 -23.24 -12.40 23.74
CA SER B 273 -22.48 -11.22 23.34
C SER B 273 -23.32 -10.30 22.49
N GLU B 274 -23.16 -9.00 22.68
CA GLU B 274 -23.82 -8.01 21.83
C GLU B 274 -23.02 -7.80 20.56
N LEU B 275 -22.45 -8.88 20.03
CA LEU B 275 -21.54 -8.82 18.89
C LEU B 275 -21.73 -10.03 17.98
N VAL B 276 -21.37 -9.85 16.72
CA VAL B 276 -21.46 -10.94 15.73
C VAL B 276 -20.21 -10.95 14.88
N ILE B 277 -19.95 -12.08 14.23
CA ILE B 277 -18.81 -12.17 13.34
C ILE B 277 -19.23 -12.86 12.05
N ALA B 278 -18.69 -12.36 10.94
CA ALA B 278 -18.86 -13.00 9.66
C ALA B 278 -17.49 -13.04 9.01
N HIS B 279 -17.32 -13.93 8.04
CA HIS B 279 -16.07 -14.01 7.33
C HIS B 279 -16.23 -14.09 5.84
N GLY B 280 -15.15 -13.76 5.15
CA GLY B 280 -15.06 -13.92 3.72
C GLY B 280 -13.63 -14.09 3.31
N VAL B 281 -13.42 -14.01 2.01
CA VAL B 281 -12.13 -14.16 1.42
C VAL B 281 -11.90 -13.05 0.41
N MET B 282 -10.72 -12.47 0.41
CA MET B 282 -10.32 -11.58 -0.67
C MET B 282 -9.72 -12.43 -1.77
N SER B 283 -10.22 -12.28 -2.98
CA SER B 283 -9.68 -13.05 -4.12
C SER B 283 -8.27 -12.57 -4.43
N ASP B 284 -8.00 -11.30 -4.18
CA ASP B 284 -6.64 -10.80 -4.27
C ASP B 284 -6.45 -9.59 -3.36
N ALA B 285 -5.23 -9.05 -3.36
CA ALA B 285 -4.85 -7.97 -2.44
C ALA B 285 -5.72 -6.72 -2.49
N ILE B 286 -6.32 -6.42 -3.63
CA ILE B 286 -7.08 -5.20 -3.83
C ILE B 286 -8.59 -5.46 -3.91
N ASP B 287 -9.03 -6.66 -3.50
CA ASP B 287 -10.44 -7.07 -3.57
C ASP B 287 -11.26 -6.46 -2.44
N ALA B 288 -11.39 -5.14 -2.49
CA ALA B 288 -12.23 -4.40 -1.56
C ALA B 288 -13.69 -4.84 -1.62
N ALA B 289 -14.14 -5.22 -2.82
CA ALA B 289 -15.53 -5.65 -3.06
C ALA B 289 -15.98 -6.70 -2.06
N SER B 290 -15.20 -7.76 -1.93
CA SER B 290 -15.52 -8.84 -1.00
C SER B 290 -15.72 -8.34 0.41
N VAL B 291 -14.90 -7.39 0.78
CA VAL B 291 -14.98 -6.84 2.11
C VAL B 291 -16.32 -6.13 2.26
N ARG B 292 -16.66 -5.27 1.29
CA ARG B 292 -17.97 -4.58 1.27
C ARG B 292 -19.13 -5.58 1.35
N ARG B 293 -19.01 -6.64 0.56
CA ARG B 293 -20.03 -7.67 0.45
C ARG B 293 -20.27 -8.38 1.78
N THR B 294 -19.19 -8.70 2.49
CA THR B 294 -19.31 -9.40 3.74
C THR B 294 -19.79 -8.46 4.84
N ILE B 295 -19.36 -7.20 4.79
CA ILE B 295 -19.82 -6.19 5.73
C ILE B 295 -21.32 -6.04 5.59
N GLU B 296 -21.78 -5.94 4.35
CA GLU B 296 -23.19 -5.80 4.04
C GLU B 296 -24.02 -6.96 4.57
N SER B 297 -23.46 -8.17 4.50
CA SER B 297 -24.15 -9.36 4.97
C SER B 297 -24.38 -9.36 6.48
N LEU B 298 -23.92 -8.28 7.14
CA LEU B 298 -24.24 -7.98 8.53
C LEU B 298 -25.03 -6.67 8.71
N GLY B 299 -25.86 -6.30 7.73
CA GLY B 299 -26.72 -5.14 7.86
C GLY B 299 -26.03 -3.79 8.05
N ILE B 300 -24.94 -3.53 7.35
CA ILE B 300 -24.28 -2.21 7.38
C ILE B 300 -24.43 -1.51 6.04
N ARG B 301 -25.15 -0.39 6.05
CA ARG B 301 -25.82 0.14 4.85
C ARG B 301 -25.53 1.63 4.59
N SER B 302 -24.40 2.11 5.08
CA SER B 302 -23.92 3.44 4.72
C SER B 302 -22.47 3.53 5.15
N ASP B 303 -21.93 4.74 5.13
CA ASP B 303 -20.72 5.06 5.88
C ASP B 303 -21.06 5.47 7.32
N ASP B 304 -22.33 5.81 7.59
CA ASP B 304 -22.72 6.28 8.93
C ASP B 304 -22.91 5.09 9.90
N GLU B 305 -23.23 3.91 9.34
CA GLU B 305 -23.35 2.66 10.10
C GLU B 305 -22.03 1.91 10.31
N MET B 306 -20.97 2.28 9.58
CA MET B 306 -19.64 1.68 9.75
C MET B 306 -19.19 1.59 11.20
N ASP B 307 -19.52 2.58 12.03
CA ASP B 307 -19.11 2.54 13.45
C ASP B 307 -19.73 1.40 14.26
N ARG B 308 -20.58 0.60 13.63
CA ARG B 308 -21.02 -0.65 14.23
C ARG B 308 -19.95 -1.73 14.12
N ILE B 309 -18.99 -1.58 13.21
CA ILE B 309 -17.86 -2.49 13.12
C ILE B 309 -16.85 -2.20 14.22
N VAL B 310 -16.51 -3.23 14.98
CA VAL B 310 -15.51 -3.10 16.01
C VAL B 310 -14.11 -3.17 15.39
N ASN B 311 -13.91 -4.11 14.49
CA ASN B 311 -12.67 -4.21 13.74
C ASN B 311 -12.78 -5.18 12.57
N VAL B 312 -11.79 -5.12 11.69
CA VAL B 312 -11.65 -6.06 10.59
C VAL B 312 -10.28 -6.71 10.68
N PHE B 313 -10.25 -7.99 10.36
CA PHE B 313 -9.07 -8.82 10.49
C PHE B 313 -8.87 -9.48 9.16
N ALA B 314 -7.71 -9.26 8.55
CA ALA B 314 -7.50 -9.68 7.18
C ALA B 314 -6.09 -10.17 6.92
N LYS B 315 -6.00 -11.13 6.02
CA LYS B 315 -4.76 -11.65 5.52
C LYS B 315 -4.50 -11.06 4.15
N ALA B 316 -3.22 -10.77 3.86
CA ALA B 316 -2.80 -10.21 2.57
C ALA B 316 -1.48 -10.82 2.16
N GLU B 317 -1.25 -10.93 0.86
CA GLU B 317 0.00 -11.46 0.39
C GLU B 317 0.29 -11.00 -1.02
N ALA B 318 1.58 -11.01 -1.34
CA ALA B 318 2.03 -10.80 -2.69
C ALA B 318 1.67 -12.03 -3.49
N SER B 319 0.92 -11.82 -4.56
CA SER B 319 0.52 -12.92 -5.40
C SER B 319 1.78 -13.67 -5.87
N PRO B 320 1.86 -14.97 -5.53
CA PRO B 320 3.08 -15.72 -5.84
C PRO B 320 3.36 -16.02 -7.33
N ASP B 321 2.41 -15.80 -8.22
CA ASP B 321 2.68 -15.86 -9.67
C ASP B 321 3.36 -14.60 -10.20
N GLY B 322 3.49 -13.60 -9.34
CA GLY B 322 4.19 -12.36 -9.69
C GLY B 322 3.34 -11.39 -10.47
N VAL B 323 2.02 -11.59 -10.43
CA VAL B 323 1.07 -10.81 -11.20
C VAL B 323 -0.17 -10.53 -10.38
N VAL B 324 -0.76 -9.34 -10.57
CA VAL B 324 -2.05 -9.00 -9.99
C VAL B 324 -2.95 -8.47 -11.08
N ARG B 325 -4.04 -9.19 -11.32
CA ARG B 325 -4.99 -8.92 -12.41
C ARG B 325 -4.28 -8.67 -13.72
N GLY B 326 -3.37 -9.57 -14.06
CA GLY B 326 -2.69 -9.56 -15.36
C GLY B 326 -1.44 -8.74 -15.43
N MET B 327 -1.27 -7.83 -14.47
CA MET B 327 -0.12 -6.94 -14.45
C MET B 327 0.94 -7.43 -13.45
N ARG B 328 2.19 -7.42 -13.89
CA ARG B 328 3.34 -7.76 -13.07
C ARG B 328 3.45 -6.84 -11.85
N HIS B 329 3.80 -7.45 -10.72
CA HIS B 329 4.13 -6.68 -9.53
C HIS B 329 5.57 -7.01 -9.14
N THR B 330 6.14 -6.15 -8.29
CA THR B 330 7.55 -6.22 -7.93
C THR B 330 7.74 -6.60 -6.48
N MET B 331 6.64 -6.92 -5.81
CA MET B 331 6.64 -7.24 -4.38
C MET B 331 7.51 -8.41 -4.02
N LEU B 332 7.69 -9.36 -4.95
CA LEU B 332 8.49 -10.56 -4.66
C LEU B 332 9.92 -10.46 -5.23
N SER B 333 10.23 -9.34 -5.87
CA SER B 333 11.55 -9.12 -6.47
C SER B 333 12.30 -7.99 -5.76
N ASP B 334 11.68 -7.41 -4.75
CA ASP B 334 12.21 -6.26 -4.07
C ASP B 334 13.01 -6.74 -2.86
N SER B 335 14.33 -6.63 -2.96
CA SER B 335 15.22 -7.04 -1.89
C SER B 335 15.35 -6.00 -0.75
N ASP B 336 14.84 -4.79 -0.95
CA ASP B 336 14.85 -3.77 0.09
C ASP B 336 13.64 -3.92 0.98
N ILE B 337 12.47 -4.14 0.37
CA ILE B 337 11.21 -4.24 1.08
C ILE B 337 10.58 -5.59 0.80
N ASN B 338 10.40 -6.38 1.85
CA ASN B 338 9.88 -7.71 1.72
C ASN B 338 8.40 -7.74 1.34
N SER B 339 8.02 -8.83 0.68
CA SER B 339 6.73 -8.92 0.03
C SER B 339 5.58 -8.70 1.00
N THR B 340 5.76 -9.21 2.22
CA THR B 340 4.72 -9.07 3.24
C THR B 340 4.49 -7.62 3.61
N ARG B 341 5.54 -6.81 3.56
CA ARG B 341 5.40 -5.40 3.91
C ARG B 341 4.60 -4.67 2.83
N HIS B 342 4.92 -4.94 1.56
CA HIS B 342 4.14 -4.41 0.43
C HIS B 342 2.67 -4.82 0.55
N ALA B 343 2.47 -6.11 0.79
CA ALA B 343 1.15 -6.69 0.81
C ALA B 343 0.28 -6.07 1.87
N ARG B 344 0.83 -5.87 3.07
CA ARG B 344 0.07 -5.24 4.14
C ARG B 344 -0.28 -3.82 3.76
N ALA B 345 0.64 -3.12 3.12
CA ALA B 345 0.36 -1.74 2.76
C ALA B 345 -0.82 -1.68 1.79
N VAL B 346 -0.79 -2.58 0.80
CA VAL B 346 -1.80 -2.59 -0.24
C VAL B 346 -3.19 -2.89 0.32
N THR B 347 -3.29 -3.99 1.06
CA THR B 347 -4.56 -4.45 1.56
C THR B 347 -5.05 -3.56 2.69
N GLY B 348 -4.12 -3.04 3.48
CA GLY B 348 -4.49 -2.06 4.49
C GLY B 348 -5.18 -0.88 3.84
N ALA B 349 -4.67 -0.46 2.69
CA ALA B 349 -5.26 0.65 1.95
C ALA B 349 -6.65 0.31 1.39
N ALA B 350 -6.74 -0.85 0.75
CA ALA B 350 -7.99 -1.31 0.18
C ALA B 350 -9.08 -1.31 1.25
N ILE B 351 -8.80 -1.92 2.39
CA ILE B 351 -9.77 -2.00 3.48
C ILE B 351 -10.07 -0.62 4.07
N ALA B 352 -9.05 0.21 4.23
CA ALA B 352 -9.25 1.55 4.75
C ALA B 352 -10.23 2.34 3.90
N SER B 353 -10.13 2.18 2.58
CA SER B 353 -11.00 2.91 1.67
C SER B 353 -12.47 2.52 1.87
N VAL B 354 -12.68 1.32 2.39
CA VAL B 354 -14.02 0.82 2.69
C VAL B 354 -14.52 1.27 4.07
N VAL B 355 -13.75 1.00 5.13
CA VAL B 355 -14.24 1.28 6.48
C VAL B 355 -13.96 2.71 6.94
N GLY B 356 -13.07 3.40 6.23
CA GLY B 356 -12.87 4.83 6.44
C GLY B 356 -11.61 5.18 7.16
N HIS B 357 -10.82 4.19 7.54
CA HIS B 357 -9.56 4.45 8.25
C HIS B 357 -8.70 3.18 8.27
N GLY B 358 -7.46 3.32 8.74
CA GLY B 358 -6.49 2.23 8.71
C GLY B 358 -6.22 1.50 10.03
N MET B 359 -7.01 1.78 11.06
CA MET B 359 -6.94 1.02 12.31
C MET B 359 -7.66 -0.32 12.19
N VAL B 360 -7.11 -1.19 11.35
CA VAL B 360 -7.63 -2.53 11.14
C VAL B 360 -6.50 -3.53 11.22
N TYR B 361 -6.85 -4.76 11.54
CA TYR B 361 -5.87 -5.83 11.64
C TYR B 361 -5.62 -6.42 10.25
N VAL B 362 -4.47 -6.08 9.67
CA VAL B 362 -4.03 -6.73 8.44
C VAL B 362 -2.68 -7.39 8.65
N SER B 363 -2.65 -8.68 8.34
CA SER B 363 -1.47 -9.50 8.48
C SER B 363 -1.04 -9.97 7.10
N GLY B 364 0.26 -10.14 6.93
CA GLY B 364 0.86 -10.46 5.64
C GLY B 364 1.34 -11.89 5.58
N GLY B 365 1.39 -12.46 4.37
CA GLY B 365 1.84 -13.82 4.16
C GLY B 365 0.66 -14.75 4.38
N ALA B 366 -0.03 -15.08 3.30
CA ALA B 366 -1.30 -15.80 3.35
C ALA B 366 -1.18 -17.15 2.66
N GLU B 367 -0.06 -17.80 2.92
CA GLU B 367 0.26 -19.07 2.32
C GLU B 367 -0.71 -20.10 2.86
N HIS B 368 -1.43 -20.74 1.94
CA HIS B 368 -2.49 -21.70 2.26
C HIS B 368 -3.57 -21.08 3.10
N GLN B 369 -3.80 -19.79 2.90
CA GLN B 369 -4.86 -19.07 3.58
C GLN B 369 -5.65 -18.36 2.51
N GLY B 370 -6.88 -18.83 2.29
CA GLY B 370 -7.68 -18.34 1.20
C GLY B 370 -6.99 -18.70 -0.11
N PRO B 371 -7.39 -18.04 -1.20
CA PRO B 371 -6.76 -18.29 -2.50
C PRO B 371 -5.33 -17.76 -2.56
N ALA B 372 -4.52 -18.37 -3.42
CA ALA B 372 -3.20 -17.85 -3.70
C ALA B 372 -3.32 -16.41 -4.21
N GLY B 373 -2.60 -15.49 -3.58
CA GLY B 373 -2.69 -14.07 -3.88
C GLY B 373 -3.76 -13.33 -3.08
N GLY B 374 -4.68 -14.08 -2.50
CA GLY B 374 -5.72 -13.51 -1.67
C GLY B 374 -5.62 -14.04 -0.25
N GLY B 375 -6.65 -13.77 0.55
CA GLY B 375 -6.61 -14.14 1.94
C GLY B 375 -7.94 -14.02 2.64
N PRO B 376 -8.15 -14.84 3.68
CA PRO B 376 -9.36 -14.73 4.46
C PRO B 376 -9.41 -13.46 5.26
N PHE B 377 -10.62 -13.02 5.56
CA PHE B 377 -10.81 -11.95 6.51
C PHE B 377 -12.11 -12.17 7.28
N ALA B 378 -12.21 -11.51 8.43
CA ALA B 378 -13.43 -11.55 9.21
C ALA B 378 -13.75 -10.15 9.69
N VAL B 379 -15.04 -9.94 10.01
CA VAL B 379 -15.53 -8.67 10.55
C VAL B 379 -16.31 -8.89 11.84
N ILE B 380 -16.01 -8.07 12.85
CA ILE B 380 -16.73 -8.14 14.11
C ILE B 380 -17.55 -6.87 14.23
N ALA B 381 -18.84 -7.04 14.54
CA ALA B 381 -19.77 -5.90 14.61
C ALA B 381 -20.74 -6.05 15.77
N ARG B 382 -21.31 -4.91 16.17
CA ARG B 382 -22.38 -4.87 17.17
C ARG B 382 -23.56 -5.64 16.61
N ALA B 383 -24.24 -6.38 17.47
CA ALA B 383 -25.42 -7.13 17.09
C ALA B 383 -26.50 -6.17 16.59
#